data_8FH4
#
_entry.id   8FH4
#
_cell.length_a   57.756
_cell.length_b   70.505
_cell.length_c   86.042
_cell.angle_alpha   97.66
_cell.angle_beta   108.73
_cell.angle_gamma   92.66
#
_symmetry.space_group_name_H-M   'P 1'
#
loop_
_entity.id
_entity.type
_entity.pdbx_description
1 polymer 'Mitogen-activated protein kinase kinase kinase kinase 1'
2 non-polymer (3P)-3-[6-chloro-4-(9-methyl-1-oxa-4,9-diazaspiro[5.5]undecan-4-yl)-7H-pyrrolo[2,3-d]pyrimidin-5-yl]benzonitrile
3 non-polymer 'SULFATE ION'
4 water water
#
_entity_poly.entity_id   1
_entity_poly.type   'polypeptide(L)'
_entity_poly.pdbx_seq_one_letter_code
;MASHHHHHHDYDGATTENLYFQGSMDVVDPDIFNRDPRDHYDLLQRLGGGTYGEVFKARDKVSGDLVALKMVKMEPDDDV
STLQKEILILKTCRHANIVAYHGSYLWLQKLWICMEFCGAGSLQDIYQVTGSLSELQISYVCREVLQGLAYLHSQKKIHR
DIKGANILINDAGEVRLADFGISAQIGAELARRLEFIGTPYWMAPEVAAVALKGGYNELCDIWSLGITAIELAELQPPLF
DVHPLRVLFLMTKSGYQPPRLKEKGKWSAAFHNFIKVTLTKSPKKRPSATKMLSHQLVSQPGLNRGLILDLLDKLKNPGK
GPSIGDIEDEE
;
_entity_poly.pdbx_strand_id   A,B,C,D
#
loop_
_chem_comp.id
_chem_comp.type
_chem_comp.name
_chem_comp.formula
SO4 non-polymer 'SULFATE ION' 'O4 S -2'
XXF non-polymer (3P)-3-[6-chloro-4-(9-methyl-1-oxa-4,9-diazaspiro[5.5]undecan-4-yl)-7H-pyrrolo[2,3-d]pyrimidin-5-yl]benzonitrile 'C22 H23 Cl N6 O'
#
# COMPACT_ATOMS: atom_id res chain seq x y z
N VAL A 28 11.97 10.50 -9.25
CA VAL A 28 12.81 9.32 -9.09
C VAL A 28 12.48 8.25 -10.15
N ASP A 29 11.26 7.68 -10.15
CA ASP A 29 10.88 6.70 -11.18
C ASP A 29 10.45 7.50 -12.42
N PRO A 30 11.12 7.34 -13.57
CA PRO A 30 10.74 8.12 -14.76
C PRO A 30 9.38 7.76 -15.36
N ASP A 31 8.88 6.56 -15.07
CA ASP A 31 7.61 6.12 -15.63
C ASP A 31 6.40 6.51 -14.78
N ILE A 32 6.58 7.18 -13.63
CA ILE A 32 5.45 7.60 -12.80
C ILE A 32 4.53 8.54 -13.58
N PHE A 33 3.21 8.29 -13.53
CA PHE A 33 2.26 9.14 -14.24
C PHE A 33 1.92 10.32 -13.32
N ASN A 34 2.24 11.53 -13.75
CA ASN A 34 1.96 12.74 -12.96
C ASN A 34 0.59 13.26 -13.35
N ARG A 35 -0.43 12.49 -13.02
CA ARG A 35 -1.81 12.84 -13.33
C ARG A 35 -2.76 12.09 -12.42
N ASP A 36 -4.01 12.54 -12.38
CA ASP A 36 -5.07 11.93 -11.61
C ASP A 36 -5.38 10.56 -12.22
N PRO A 37 -5.36 9.44 -11.48
CA PRO A 37 -5.75 8.15 -12.09
C PRO A 37 -7.16 8.18 -12.65
N ARG A 38 -8.04 9.07 -12.12
CA ARG A 38 -9.42 9.25 -12.59
C ARG A 38 -9.49 9.72 -14.04
N ASP A 39 -8.38 10.21 -14.62
CA ASP A 39 -8.33 10.50 -16.05
C ASP A 39 -8.47 9.18 -16.86
N HIS A 40 -7.99 8.06 -16.29
CA HIS A 40 -8.00 6.76 -16.97
C HIS A 40 -8.96 5.73 -16.42
N TYR A 41 -9.32 5.84 -15.14
CA TYR A 41 -10.14 4.83 -14.50
C TYR A 41 -11.36 5.39 -13.82
N ASP A 42 -12.42 4.60 -13.75
CA ASP A 42 -13.59 4.92 -12.97
C ASP A 42 -13.40 4.08 -11.70
N LEU A 43 -13.37 4.73 -10.55
CA LEU A 43 -13.20 4.06 -9.27
C LEU A 43 -14.46 3.36 -8.82
N LEU A 44 -14.39 2.04 -8.63
CA LEU A 44 -15.51 1.26 -8.16
C LEU A 44 -15.36 1.03 -6.63
N GLN A 45 -15.82 -0.11 -6.09
CA GLN A 45 -15.78 -0.39 -4.66
C GLN A 45 -14.40 -0.56 -4.02
N ARG A 46 -14.37 -0.36 -2.69
CA ARG A 46 -13.20 -0.61 -1.87
C ARG A 46 -13.11 -2.15 -1.78
N LEU A 47 -11.92 -2.70 -2.02
CA LEU A 47 -11.70 -4.15 -2.00
C LEU A 47 -11.16 -4.63 -0.66
N GLY A 48 -10.32 -3.83 -0.03
CA GLY A 48 -9.71 -4.15 1.24
C GLY A 48 -8.45 -3.36 1.47
N GLY A 49 -7.75 -3.68 2.53
CA GLY A 49 -6.50 -3.00 2.85
C GLY A 49 -5.33 -3.95 2.71
N GLY A 50 -4.16 -3.38 2.54
CA GLY A 50 -2.93 -4.16 2.49
C GLY A 50 -2.17 -3.91 3.78
N THR A 51 -0.85 -4.14 3.74
CA THR A 51 0.03 -3.84 4.89
C THR A 51 -0.09 -2.32 5.22
N TYR A 52 -0.22 -1.52 4.17
CA TYR A 52 -0.56 -0.10 4.21
C TYR A 52 -1.37 0.17 2.92
N GLY A 53 -2.01 1.31 2.85
CA GLY A 53 -2.81 1.69 1.69
C GLY A 53 -4.18 1.05 1.70
N GLU A 54 -5.02 1.53 0.79
CA GLU A 54 -6.35 1.00 0.63
C GLU A 54 -6.49 0.59 -0.83
N VAL A 55 -7.00 -0.62 -1.09
CA VAL A 55 -7.11 -1.15 -2.44
C VAL A 55 -8.53 -1.03 -2.96
N PHE A 56 -8.69 -0.44 -4.15
CA PHE A 56 -9.99 -0.23 -4.78
C PHE A 56 -10.08 -0.95 -6.10
N LYS A 57 -11.26 -1.43 -6.46
CA LYS A 57 -11.50 -2.01 -7.77
C LYS A 57 -11.72 -0.80 -8.72
N ALA A 58 -11.21 -0.84 -9.94
CA ALA A 58 -11.40 0.25 -10.91
C ALA A 58 -11.56 -0.29 -12.32
N ARG A 59 -12.15 0.49 -13.23
CA ARG A 59 -12.35 0.04 -14.62
C ARG A 59 -11.76 1.05 -15.61
N ASP A 60 -10.93 0.58 -16.55
CA ASP A 60 -10.29 1.40 -17.56
C ASP A 60 -11.35 2.00 -18.46
N LYS A 61 -11.39 3.33 -18.55
CA LYS A 61 -12.41 4.02 -19.34
C LYS A 61 -12.41 3.70 -20.85
N VAL A 62 -11.25 3.39 -21.45
CA VAL A 62 -11.22 3.13 -22.89
C VAL A 62 -11.39 1.64 -23.21
N SER A 63 -10.65 0.75 -22.53
CA SER A 63 -10.72 -0.68 -22.83
C SER A 63 -11.74 -1.46 -22.03
N GLY A 64 -12.12 -0.94 -20.86
CA GLY A 64 -13.04 -1.64 -19.98
C GLY A 64 -12.39 -2.66 -19.07
N ASP A 65 -11.04 -2.82 -19.16
CA ASP A 65 -10.30 -3.77 -18.33
C ASP A 65 -10.38 -3.40 -16.84
N LEU A 66 -10.64 -4.40 -15.97
CA LEU A 66 -10.69 -4.16 -14.53
C LEU A 66 -9.29 -4.20 -13.93
N VAL A 67 -9.04 -3.36 -12.94
CA VAL A 67 -7.75 -3.28 -12.25
C VAL A 67 -8.01 -3.07 -10.74
N ALA A 68 -6.95 -3.20 -9.92
CA ALA A 68 -6.99 -2.88 -8.50
C ALA A 68 -6.04 -1.68 -8.34
N LEU A 69 -6.51 -0.59 -7.73
CA LEU A 69 -5.69 0.60 -7.50
C LEU A 69 -5.45 0.70 -6.01
N LYS A 70 -4.20 0.65 -5.58
CA LYS A 70 -3.87 0.77 -4.16
C LYS A 70 -3.45 2.21 -3.91
N MET A 71 -4.20 2.90 -3.08
CA MET A 71 -4.02 4.30 -2.75
C MET A 71 -3.29 4.47 -1.44
N VAL A 72 -2.19 5.22 -1.46
CA VAL A 72 -1.37 5.54 -0.30
C VAL A 72 -1.24 7.06 -0.20
N LYS A 73 -1.50 7.63 0.98
CA LYS A 73 -1.36 9.06 1.20
C LYS A 73 0.12 9.42 1.09
N MET A 74 0.42 10.49 0.36
CA MET A 74 1.81 10.90 0.16
C MET A 74 2.03 12.40 0.43
N GLU A 75 1.76 12.82 1.67
CA GLU A 75 2.00 14.18 2.12
C GLU A 75 3.51 14.34 2.44
N PRO A 76 4.04 15.58 2.55
CA PRO A 76 5.48 15.75 2.77
C PRO A 76 6.17 14.90 3.85
N ASP A 77 5.47 14.53 4.94
CA ASP A 77 6.11 13.75 6.00
C ASP A 77 5.70 12.26 6.00
N ASP A 78 5.25 11.75 4.85
CA ASP A 78 4.89 10.33 4.74
C ASP A 78 6.13 9.49 4.35
N ASP A 79 6.05 8.16 4.50
CA ASP A 79 7.17 7.27 4.21
C ASP A 79 7.44 7.05 2.71
N VAL A 80 8.13 8.02 2.09
CA VAL A 80 8.49 7.99 0.67
C VAL A 80 9.48 6.86 0.32
N SER A 81 10.47 6.59 1.19
CA SER A 81 11.46 5.55 0.91
C SER A 81 10.81 4.17 0.77
N THR A 82 9.83 3.85 1.64
CA THR A 82 9.16 2.55 1.52
CA THR A 82 9.13 2.56 1.56
C THR A 82 8.38 2.46 0.22
N LEU A 83 7.64 3.52 -0.15
CA LEU A 83 6.90 3.49 -1.40
C LEU A 83 7.82 3.41 -2.62
N GLN A 84 9.01 4.04 -2.53
CA GLN A 84 10.00 3.96 -3.62
C GLN A 84 10.45 2.52 -3.79
N LYS A 85 10.76 1.85 -2.67
CA LYS A 85 11.19 0.47 -2.66
C LYS A 85 10.09 -0.47 -3.16
N GLU A 86 8.83 -0.24 -2.79
CA GLU A 86 7.75 -1.11 -3.24
C GLU A 86 7.56 -1.02 -4.74
N ILE A 87 7.58 0.22 -5.29
CA ILE A 87 7.36 0.34 -6.72
C ILE A 87 8.59 -0.20 -7.48
N LEU A 88 9.82 -0.10 -6.91
CA LEU A 88 11.00 -0.69 -7.56
C LEU A 88 10.83 -2.23 -7.69
N ILE A 89 10.31 -2.87 -6.64
CA ILE A 89 10.05 -4.31 -6.68
C ILE A 89 8.98 -4.64 -7.74
N LEU A 90 7.85 -3.92 -7.72
CA LEU A 90 6.77 -4.17 -8.68
C LEU A 90 7.20 -3.98 -10.14
N LYS A 91 7.97 -2.93 -10.42
CA LYS A 91 8.45 -2.65 -11.77
C LYS A 91 9.43 -3.70 -12.27
N THR A 92 10.33 -4.19 -11.40
CA THR A 92 11.40 -5.10 -11.83
C THR A 92 11.12 -6.58 -11.61
N CYS A 93 10.07 -6.94 -10.87
CA CYS A 93 9.79 -8.34 -10.60
C CYS A 93 8.51 -8.75 -11.23
N ARG A 94 8.60 -9.14 -12.51
CA ARG A 94 7.48 -9.58 -13.33
C ARG A 94 7.56 -11.10 -13.55
N HIS A 95 6.53 -11.80 -13.11
CA HIS A 95 6.49 -13.26 -13.22
C HIS A 95 5.02 -13.72 -13.22
N ALA A 96 4.72 -14.88 -13.82
CA ALA A 96 3.36 -15.44 -13.89
C ALA A 96 2.71 -15.70 -12.51
N ASN A 97 3.53 -15.82 -11.46
CA ASN A 97 3.05 -16.07 -10.11
C ASN A 97 3.13 -14.85 -9.19
N ILE A 98 3.23 -13.66 -9.77
CA ILE A 98 3.23 -12.38 -9.04
C ILE A 98 2.15 -11.52 -9.69
N VAL A 99 1.35 -10.79 -8.89
CA VAL A 99 0.31 -9.93 -9.46
C VAL A 99 0.91 -8.93 -10.47
N ALA A 100 0.26 -8.77 -11.61
CA ALA A 100 0.74 -7.88 -12.66
C ALA A 100 0.71 -6.43 -12.16
N TYR A 101 1.74 -5.63 -12.48
CA TYR A 101 1.85 -4.22 -12.13
C TYR A 101 1.67 -3.42 -13.42
N HIS A 102 0.77 -2.46 -13.41
CA HIS A 102 0.49 -1.65 -14.60
C HIS A 102 1.09 -0.25 -14.58
N GLY A 103 1.54 0.22 -13.44
CA GLY A 103 2.10 1.56 -13.33
C GLY A 103 1.59 2.29 -12.11
N SER A 104 2.10 3.51 -11.86
CA SER A 104 1.73 4.27 -10.66
C SER A 104 1.41 5.71 -11.00
N TYR A 105 0.48 6.31 -10.25
CA TYR A 105 0.06 7.71 -10.45
C TYR A 105 0.38 8.52 -9.21
N LEU A 106 0.87 9.75 -9.36
CA LEU A 106 1.12 10.63 -8.22
C LEU A 106 0.36 11.90 -8.55
N TRP A 107 -0.63 12.25 -7.72
CA TRP A 107 -1.42 13.44 -7.95
C TRP A 107 -2.01 13.92 -6.65
N LEU A 108 -1.89 15.23 -6.36
CA LEU A 108 -2.47 15.85 -5.19
C LEU A 108 -2.22 15.09 -3.89
N GLN A 109 -0.96 14.69 -3.71
CA GLN A 109 -0.47 14.04 -2.49
C GLN A 109 -1.08 12.68 -2.24
N LYS A 110 -1.34 11.95 -3.30
CA LYS A 110 -1.84 10.58 -3.22
C LYS A 110 -1.09 9.77 -4.26
N LEU A 111 -0.59 8.60 -3.87
CA LEU A 111 0.08 7.70 -4.82
C LEU A 111 -0.91 6.54 -5.07
N TRP A 112 -1.12 6.18 -6.33
CA TRP A 112 -2.04 5.11 -6.70
C TRP A 112 -1.24 4.06 -7.46
N ILE A 113 -1.14 2.86 -6.94
CA ILE A 113 -0.38 1.79 -7.59
C ILE A 113 -1.37 0.87 -8.31
N CYS A 114 -1.25 0.78 -9.62
CA CYS A 114 -2.14 0.00 -10.44
C CYS A 114 -1.67 -1.43 -10.61
N MET A 115 -2.47 -2.38 -10.17
CA MET A 115 -2.13 -3.79 -10.24
C MET A 115 -3.30 -4.64 -10.79
N GLU A 116 -3.02 -5.92 -11.04
CA GLU A 116 -4.00 -6.85 -11.54
C GLU A 116 -5.17 -7.05 -10.59
N PHE A 117 -6.38 -7.10 -11.13
CA PHE A 117 -7.57 -7.38 -10.36
C PHE A 117 -7.75 -8.92 -10.38
N CYS A 118 -7.66 -9.54 -9.20
CA CYS A 118 -7.84 -10.99 -9.10
C CYS A 118 -9.20 -11.22 -8.49
N GLY A 119 -10.18 -11.51 -9.35
CA GLY A 119 -11.59 -11.67 -9.02
C GLY A 119 -12.01 -12.43 -7.79
N ALA A 120 -11.30 -13.51 -7.45
CA ALA A 120 -11.69 -14.31 -6.25
C ALA A 120 -11.03 -13.83 -4.93
N GLY A 121 -10.27 -12.75 -4.98
CA GLY A 121 -9.60 -12.23 -3.80
C GLY A 121 -8.50 -13.17 -3.33
N SER A 122 -8.18 -13.19 -2.02
CA SER A 122 -7.10 -14.04 -1.54
C SER A 122 -7.57 -15.44 -1.13
N LEU A 123 -6.61 -16.38 -0.91
CA LEU A 123 -6.98 -17.71 -0.44
C LEU A 123 -7.67 -17.64 0.94
N GLN A 124 -7.34 -16.66 1.80
CA GLN A 124 -7.98 -16.48 3.08
C GLN A 124 -9.48 -16.14 2.88
N ASP A 125 -9.80 -15.20 1.95
CA ASP A 125 -11.18 -14.86 1.61
C ASP A 125 -11.93 -16.09 1.06
N ILE A 126 -11.24 -16.93 0.29
CA ILE A 126 -11.81 -18.13 -0.29
C ILE A 126 -12.09 -19.23 0.74
N TYR A 127 -11.09 -19.60 1.55
CA TYR A 127 -11.32 -20.67 2.53
C TYR A 127 -12.27 -20.27 3.66
N GLN A 128 -12.54 -18.96 3.85
CA GLN A 128 -13.55 -18.57 4.86
C GLN A 128 -14.97 -18.92 4.38
N VAL A 129 -15.16 -19.10 3.06
CA VAL A 129 -16.45 -19.49 2.48
C VAL A 129 -16.49 -20.99 2.19
N THR A 130 -15.40 -21.48 1.64
CA THR A 130 -15.19 -22.81 1.07
C THR A 130 -14.82 -23.91 2.12
N GLY A 131 -14.14 -23.52 3.19
CA GLY A 131 -13.60 -24.47 4.13
C GLY A 131 -12.24 -24.97 3.63
N SER A 132 -11.65 -25.93 4.35
CA SER A 132 -10.34 -26.52 4.07
C SER A 132 -10.11 -26.84 2.57
N LEU A 133 -8.88 -26.59 2.05
CA LEU A 133 -8.56 -26.99 0.67
C LEU A 133 -8.18 -28.48 0.70
N SER A 134 -8.40 -29.18 -0.41
CA SER A 134 -7.96 -30.58 -0.53
C SER A 134 -6.42 -30.60 -0.61
N GLU A 135 -5.80 -31.76 -0.38
CA GLU A 135 -4.34 -31.85 -0.45
C GLU A 135 -3.82 -31.51 -1.83
N LEU A 136 -4.51 -31.93 -2.92
CA LEU A 136 -4.09 -31.59 -4.28
C LEU A 136 -4.16 -30.10 -4.54
N GLN A 137 -5.22 -29.43 -4.04
CA GLN A 137 -5.33 -27.98 -4.20
C GLN A 137 -4.18 -27.28 -3.45
N ILE A 138 -3.89 -27.73 -2.23
CA ILE A 138 -2.79 -27.15 -1.43
C ILE A 138 -1.46 -27.36 -2.14
N SER A 139 -1.22 -28.57 -2.66
CA SER A 139 -0.01 -28.93 -3.41
C SER A 139 0.15 -27.99 -4.62
N TYR A 140 -0.95 -27.77 -5.37
CA TYR A 140 -0.91 -26.89 -6.53
C TYR A 140 -0.58 -25.46 -6.12
N VAL A 141 -1.22 -24.93 -5.06
CA VAL A 141 -0.91 -23.57 -4.57
C VAL A 141 0.59 -23.49 -4.17
N CYS A 142 1.08 -24.52 -3.46
CA CYS A 142 2.47 -24.56 -3.03
C CYS A 142 3.43 -24.53 -4.19
N ARG A 143 3.10 -25.25 -5.27
CA ARG A 143 3.95 -25.28 -6.45
C ARG A 143 4.03 -23.90 -7.07
N GLU A 144 2.86 -23.28 -7.25
CA GLU A 144 2.82 -21.95 -7.88
C GLU A 144 3.52 -20.89 -7.03
N VAL A 145 3.31 -20.90 -5.71
CA VAL A 145 3.95 -19.96 -4.80
C VAL A 145 5.48 -20.20 -4.83
N LEU A 146 5.92 -21.45 -4.82
CA LEU A 146 7.36 -21.77 -4.89
C LEU A 146 7.97 -21.26 -6.19
N GLN A 147 7.24 -21.32 -7.32
CA GLN A 147 7.76 -20.77 -8.58
C GLN A 147 7.95 -19.26 -8.44
N GLY A 148 7.00 -18.57 -7.82
CA GLY A 148 7.10 -17.12 -7.60
C GLY A 148 8.21 -16.78 -6.64
N LEU A 149 8.41 -17.60 -5.60
CA LEU A 149 9.46 -17.39 -4.60
C LEU A 149 10.84 -17.63 -5.21
N ALA A 150 11.01 -18.73 -5.98
CA ALA A 150 12.30 -18.99 -6.64
C ALA A 150 12.67 -17.79 -7.57
N TYR A 151 11.69 -17.25 -8.27
CA TYR A 151 11.93 -16.08 -9.13
C TYR A 151 12.33 -14.87 -8.27
N LEU A 152 11.54 -14.53 -7.22
CA LEU A 152 11.87 -13.41 -6.35
C LEU A 152 13.27 -13.53 -5.73
N HIS A 153 13.61 -14.71 -5.19
CA HIS A 153 14.90 -14.94 -4.57
C HIS A 153 16.06 -14.85 -5.59
N SER A 154 15.78 -15.21 -6.85
CA SER A 154 16.78 -15.11 -7.91
C SER A 154 17.09 -13.64 -8.24
N GLN A 155 16.14 -12.73 -8.03
CA GLN A 155 16.32 -11.27 -8.23
C GLN A 155 16.77 -10.56 -6.92
N LYS A 156 17.18 -11.34 -5.90
CA LYS A 156 17.64 -10.83 -4.62
C LYS A 156 16.53 -10.14 -3.81
N LYS A 157 15.28 -10.59 -3.98
CA LYS A 157 14.16 -10.04 -3.22
C LYS A 157 13.63 -11.10 -2.27
N ILE A 158 13.04 -10.66 -1.15
CA ILE A 158 12.44 -11.55 -0.18
C ILE A 158 11.01 -11.03 0.03
N HIS A 159 9.98 -11.89 -0.06
CA HIS A 159 8.60 -11.44 0.15
C HIS A 159 8.40 -11.05 1.64
N ARG A 160 8.78 -11.94 2.57
CA ARG A 160 8.72 -11.75 4.02
C ARG A 160 7.29 -11.67 4.59
N ASP A 161 6.26 -11.88 3.75
CA ASP A 161 4.88 -11.85 4.24
C ASP A 161 4.00 -12.88 3.55
N ILE A 162 4.55 -14.09 3.35
CA ILE A 162 3.76 -15.17 2.73
C ILE A 162 2.71 -15.66 3.75
N LYS A 163 1.45 -15.65 3.33
CA LYS A 163 0.28 -16.09 4.10
C LYS A 163 -0.90 -16.19 3.12
N GLY A 164 -1.98 -16.85 3.52
CA GLY A 164 -3.15 -17.01 2.67
C GLY A 164 -3.73 -15.71 2.17
N ALA A 165 -3.66 -14.65 3.00
CA ALA A 165 -4.16 -13.32 2.67
C ALA A 165 -3.41 -12.67 1.51
N ASN A 166 -2.16 -13.10 1.24
CA ASN A 166 -1.34 -12.51 0.18
C ASN A 166 -1.16 -13.38 -1.04
N ILE A 167 -1.95 -14.45 -1.17
CA ILE A 167 -1.89 -15.29 -2.34
C ILE A 167 -3.25 -15.12 -3.00
N LEU A 168 -3.27 -14.48 -4.15
CA LEU A 168 -4.51 -14.21 -4.85
C LEU A 168 -4.81 -15.23 -5.92
N ILE A 169 -6.09 -15.40 -6.23
CA ILE A 169 -6.55 -16.31 -7.25
C ILE A 169 -7.38 -15.50 -8.24
N ASN A 170 -7.01 -15.53 -9.52
CA ASN A 170 -7.82 -14.82 -10.53
C ASN A 170 -8.88 -15.79 -11.12
N ASP A 171 -9.76 -15.26 -11.98
CA ASP A 171 -10.83 -16.06 -12.58
C ASP A 171 -10.29 -17.17 -13.49
N ALA A 172 -9.06 -17.04 -14.02
CA ALA A 172 -8.45 -18.06 -14.84
C ALA A 172 -7.82 -19.21 -13.97
N GLY A 173 -7.97 -19.16 -12.66
CA GLY A 173 -7.41 -20.16 -11.77
C GLY A 173 -5.90 -20.04 -11.58
N GLU A 174 -5.35 -18.83 -11.81
CA GLU A 174 -3.93 -18.56 -11.64
C GLU A 174 -3.65 -18.05 -10.23
N VAL A 175 -2.49 -18.44 -9.71
CA VAL A 175 -2.07 -18.18 -8.34
C VAL A 175 -1.02 -17.07 -8.33
N ARG A 176 -1.33 -15.93 -7.70
CA ARG A 176 -0.40 -14.78 -7.73
C ARG A 176 -0.07 -14.22 -6.37
N LEU A 177 1.21 -13.97 -6.11
CA LEU A 177 1.68 -13.36 -4.86
C LEU A 177 1.43 -11.86 -4.89
N ALA A 178 0.96 -11.32 -3.80
CA ALA A 178 0.64 -9.90 -3.70
C ALA A 178 1.25 -9.25 -2.41
N ASP A 179 1.18 -7.92 -2.33
CA ASP A 179 1.57 -7.13 -1.18
C ASP A 179 3.03 -7.23 -0.84
N PHE A 180 3.80 -6.39 -1.48
CA PHE A 180 5.21 -6.26 -1.15
C PHE A 180 5.45 -5.15 -0.10
N GLY A 181 4.42 -4.76 0.66
CA GLY A 181 4.51 -3.71 1.69
C GLY A 181 5.51 -4.01 2.79
N ILE A 182 5.46 -5.24 3.35
CA ILE A 182 6.41 -5.62 4.38
C ILE A 182 7.84 -5.68 3.78
N SER A 183 7.98 -6.26 2.57
CA SER A 183 9.27 -6.35 1.90
C SER A 183 9.87 -4.95 1.69
N ALA A 184 9.02 -4.00 1.27
CA ALA A 184 9.46 -2.62 1.04
C ALA A 184 9.88 -1.93 2.33
N GLN A 185 9.12 -2.10 3.42
CA GLN A 185 9.42 -1.49 4.73
C GLN A 185 10.76 -1.96 5.27
N ILE A 186 11.02 -3.27 5.18
CA ILE A 186 12.28 -3.85 5.66
C ILE A 186 13.42 -3.37 4.78
N GLY A 187 13.21 -3.38 3.47
CA GLY A 187 14.19 -2.93 2.49
C GLY A 187 14.59 -1.48 2.69
N ALA A 188 13.62 -0.61 3.03
CA ALA A 188 13.92 0.80 3.25
C ALA A 188 14.64 0.98 4.59
N GLU A 189 14.22 0.24 5.63
CA GLU A 189 14.82 0.31 6.96
C GLU A 189 16.28 -0.15 6.94
N LEU A 190 16.57 -1.22 6.19
CA LEU A 190 17.91 -1.77 6.08
C LEU A 190 18.84 -0.85 5.27
N ALA A 191 18.30 -0.12 4.28
CA ALA A 191 19.09 0.82 3.50
C ALA A 191 19.42 2.04 4.36
N ARG A 192 18.43 2.52 5.13
CA ARG A 192 18.56 3.64 6.06
C ARG A 192 19.59 3.32 7.15
N ARG A 193 19.53 2.10 7.72
CA ARG A 193 20.44 1.64 8.78
C ARG A 193 21.88 1.48 8.29
N LEU A 194 22.08 1.01 7.04
CA LEU A 194 23.42 0.82 6.47
C LEU A 194 24.18 2.15 6.21
N GLU A 195 23.62 3.28 6.64
CA GLU A 195 24.24 4.60 6.58
C GLU A 195 24.82 4.93 7.98
N PHE A 196 24.12 4.50 9.05
CA PHE A 196 24.55 4.64 10.44
C PHE A 196 25.27 3.36 10.94
N ILE A 197 25.73 2.49 10.03
CA ILE A 197 26.41 1.25 10.41
C ILE A 197 27.82 1.52 10.94
N GLY A 198 28.54 2.39 10.23
CA GLY A 198 29.93 2.68 10.56
C GLY A 198 30.86 1.57 10.10
N THR A 199 32.14 1.63 10.50
CA THR A 199 33.11 0.61 10.16
C THR A 199 32.78 -0.77 10.74
N PRO A 200 33.04 -1.83 9.97
CA PRO A 200 32.75 -3.18 10.45
C PRO A 200 33.95 -3.97 10.93
N TYR A 201 35.17 -3.40 10.89
CA TYR A 201 36.40 -4.15 11.18
C TYR A 201 36.49 -4.77 12.56
N TRP A 202 35.81 -4.18 13.56
CA TRP A 202 35.85 -4.70 14.93
C TRP A 202 34.55 -5.51 15.25
N MET A 203 33.63 -5.68 14.28
CA MET A 203 32.37 -6.37 14.50
C MET A 203 32.59 -7.86 14.55
N ALA A 204 31.96 -8.52 15.51
CA ALA A 204 31.98 -9.97 15.58
C ALA A 204 31.18 -10.51 14.36
N PRO A 205 31.43 -11.74 13.90
CA PRO A 205 30.69 -12.24 12.71
C PRO A 205 29.17 -12.17 12.84
N GLU A 206 28.61 -12.46 14.02
CA GLU A 206 27.18 -12.41 14.26
C GLU A 206 26.61 -10.99 14.24
N VAL A 207 27.45 -9.98 14.53
CA VAL A 207 27.03 -8.59 14.45
C VAL A 207 27.07 -8.14 12.98
N ALA A 208 28.09 -8.56 12.24
CA ALA A 208 28.23 -8.26 10.81
C ALA A 208 27.03 -8.83 10.04
N ALA A 209 26.54 -10.02 10.46
CA ALA A 209 25.36 -10.68 9.88
C ALA A 209 24.09 -9.84 10.03
N VAL A 210 23.86 -9.21 11.20
CA VAL A 210 22.67 -8.35 11.35
C VAL A 210 22.84 -7.01 10.61
N ALA A 211 24.07 -6.50 10.53
CA ALA A 211 24.37 -5.25 9.87
C ALA A 211 24.13 -5.35 8.35
N LEU A 212 24.61 -6.42 7.72
CA LEU A 212 24.49 -6.61 6.29
C LEU A 212 23.14 -7.18 5.83
N LYS A 213 22.63 -8.21 6.54
CA LYS A 213 21.43 -8.93 6.11
C LYS A 213 20.23 -8.92 7.04
N GLY A 214 20.28 -8.18 8.13
CA GLY A 214 19.18 -8.17 9.09
C GLY A 214 19.08 -9.43 9.94
N GLY A 215 20.09 -10.31 9.88
CA GLY A 215 20.11 -11.51 10.69
C GLY A 215 19.38 -12.71 10.15
N TYR A 216 18.86 -12.61 8.93
CA TYR A 216 18.18 -13.75 8.29
C TYR A 216 18.29 -13.65 6.76
N ASN A 217 17.74 -14.64 6.02
CA ASN A 217 17.83 -14.62 4.57
C ASN A 217 16.46 -15.01 3.93
N GLU A 218 16.44 -15.19 2.61
CA GLU A 218 15.25 -15.54 1.83
C GLU A 218 14.58 -16.87 2.27
N LEU A 219 15.32 -17.74 2.97
CA LEU A 219 14.75 -19.01 3.46
C LEU A 219 13.62 -18.80 4.47
N CYS A 220 13.47 -17.59 5.03
CA CYS A 220 12.34 -17.26 5.90
C CYS A 220 11.01 -17.45 5.11
N ASP A 221 11.02 -17.22 3.76
CA ASP A 221 9.84 -17.37 2.92
C ASP A 221 9.41 -18.84 2.79
N ILE A 222 10.37 -19.79 2.88
CA ILE A 222 10.08 -21.22 2.78
C ILE A 222 9.33 -21.68 4.01
N TRP A 223 9.75 -21.19 5.21
CA TRP A 223 9.06 -21.46 6.47
C TRP A 223 7.65 -20.92 6.39
N SER A 224 7.47 -19.64 5.98
CA SER A 224 6.12 -19.07 5.89
C SER A 224 5.22 -19.84 4.95
N LEU A 225 5.77 -20.40 3.86
CA LEU A 225 4.96 -21.20 2.94
C LEU A 225 4.51 -22.50 3.65
N GLY A 226 5.37 -23.08 4.48
CA GLY A 226 4.99 -24.27 5.24
C GLY A 226 3.84 -23.96 6.19
N ILE A 227 3.90 -22.80 6.83
CA ILE A 227 2.84 -22.36 7.73
C ILE A 227 1.55 -22.16 6.94
N THR A 228 1.66 -21.53 5.74
CA THR A 228 0.53 -21.27 4.85
C THR A 228 -0.13 -22.54 4.42
N ALA A 229 0.64 -23.60 4.15
CA ALA A 229 0.07 -24.90 3.76
C ALA A 229 -0.80 -25.45 4.90
N ILE A 230 -0.34 -25.30 6.15
CA ILE A 230 -1.12 -25.70 7.34
C ILE A 230 -2.35 -24.82 7.45
N GLU A 231 -2.20 -23.50 7.24
CA GLU A 231 -3.33 -22.58 7.25
C GLU A 231 -4.42 -22.99 6.22
N LEU A 232 -4.02 -23.39 5.00
CA LEU A 232 -4.98 -23.80 3.97
C LEU A 232 -5.67 -25.15 4.33
N ALA A 233 -4.96 -26.01 5.08
CA ALA A 233 -5.45 -27.30 5.51
C ALA A 233 -6.39 -27.21 6.74
N GLU A 234 -6.11 -26.28 7.68
CA GLU A 234 -6.82 -26.17 8.96
C GLU A 234 -7.59 -24.88 9.24
N LEU A 235 -7.54 -23.91 8.31
CA LEU A 235 -8.26 -22.63 8.35
C LEU A 235 -7.64 -21.56 9.25
N GLN A 236 -6.48 -21.86 9.81
CA GLN A 236 -5.70 -20.92 10.60
C GLN A 236 -4.28 -21.46 10.75
N PRO A 237 -3.31 -20.55 10.91
CA PRO A 237 -1.95 -21.01 11.17
C PRO A 237 -1.84 -21.65 12.57
N PRO A 238 -0.79 -22.44 12.80
CA PRO A 238 -0.60 -23.04 14.12
C PRO A 238 -0.53 -21.96 15.22
N LEU A 239 -1.15 -22.23 16.38
CA LEU A 239 -1.16 -21.34 17.55
C LEU A 239 -1.89 -20.03 17.32
N PHE A 240 -2.78 -19.95 16.31
CA PHE A 240 -3.51 -18.70 16.02
C PHE A 240 -4.32 -18.20 17.22
N ASP A 241 -4.71 -19.10 18.13
CA ASP A 241 -5.47 -18.72 19.32
C ASP A 241 -4.57 -18.33 20.52
N VAL A 242 -3.26 -18.36 20.35
CA VAL A 242 -2.32 -18.04 21.42
C VAL A 242 -1.89 -16.60 21.28
N HIS A 243 -1.73 -15.89 22.42
CA HIS A 243 -1.28 -14.49 22.43
C HIS A 243 -0.03 -14.29 21.56
N PRO A 244 -0.07 -13.31 20.65
CA PRO A 244 1.07 -13.10 19.73
C PRO A 244 2.43 -12.98 20.39
N LEU A 245 2.51 -12.26 21.53
CA LEU A 245 3.77 -12.06 22.26
C LEU A 245 4.27 -13.40 22.81
N ARG A 246 3.36 -14.25 23.27
CA ARG A 246 3.70 -15.58 23.78
C ARG A 246 4.24 -16.46 22.63
N VAL A 247 3.68 -16.33 21.41
CA VAL A 247 4.13 -17.10 20.26
C VAL A 247 5.54 -16.68 19.91
N LEU A 248 5.79 -15.35 19.87
CA LEU A 248 7.13 -14.81 19.62
C LEU A 248 8.13 -15.34 20.66
N PHE A 249 7.79 -15.27 21.95
CA PHE A 249 8.65 -15.79 23.00
C PHE A 249 8.97 -17.28 22.81
N LEU A 250 7.95 -18.11 22.54
CA LEU A 250 8.11 -19.55 22.36
C LEU A 250 9.03 -19.93 21.20
N MET A 251 8.99 -19.15 20.09
CA MET A 251 9.80 -19.42 18.92
C MET A 251 11.27 -19.15 19.16
N THR A 252 11.58 -18.11 19.95
CA THR A 252 12.96 -17.72 20.23
C THR A 252 13.67 -18.63 21.22
N LYS A 253 12.92 -19.41 22.00
CA LYS A 253 13.52 -20.28 23.01
C LYS A 253 14.11 -21.56 22.45
N SER A 254 15.12 -22.10 23.14
CA SER A 254 15.73 -23.35 22.73
C SER A 254 14.77 -24.47 23.11
N GLY A 255 14.66 -25.45 22.22
CA GLY A 255 13.72 -26.55 22.42
C GLY A 255 12.41 -26.34 21.67
N TYR A 256 12.25 -25.20 20.96
CA TYR A 256 11.05 -24.90 20.18
C TYR A 256 10.85 -25.99 19.13
N GLN A 257 9.66 -26.57 19.10
CA GLN A 257 9.35 -27.60 18.13
C GLN A 257 8.53 -27.01 16.99
N PRO A 258 9.00 -27.17 15.75
CA PRO A 258 8.22 -26.68 14.60
C PRO A 258 6.82 -27.32 14.54
N PRO A 259 5.83 -26.56 14.05
CA PRO A 259 4.46 -27.09 13.98
C PRO A 259 4.27 -28.27 13.02
N ARG A 260 3.11 -28.94 13.14
CA ARG A 260 2.76 -30.07 12.29
C ARG A 260 1.26 -30.02 11.98
N LEU A 261 0.81 -30.77 10.97
CA LEU A 261 -0.63 -30.90 10.70
C LEU A 261 -1.26 -31.67 11.91
N LYS A 262 -2.45 -31.26 12.34
CA LYS A 262 -3.11 -31.85 13.50
C LYS A 262 -3.72 -33.23 13.18
N GLU A 263 -4.37 -33.38 12.02
CA GLU A 263 -5.01 -34.65 11.65
C GLU A 263 -4.12 -35.44 10.74
N LYS A 264 -3.21 -36.22 11.32
CA LYS A 264 -2.23 -37.00 10.55
C LYS A 264 -2.83 -37.94 9.51
N GLY A 265 -3.92 -38.62 9.85
CA GLY A 265 -4.64 -39.54 8.98
C GLY A 265 -5.30 -38.92 7.76
N LYS A 266 -5.53 -37.60 7.77
CA LYS A 266 -6.15 -36.92 6.61
C LYS A 266 -5.14 -36.62 5.47
N TRP A 267 -3.83 -36.66 5.76
CA TRP A 267 -2.83 -36.21 4.79
C TRP A 267 -1.79 -37.27 4.43
N SER A 268 -1.32 -37.25 3.18
CA SER A 268 -0.33 -38.23 2.72
C SER A 268 1.02 -38.03 3.41
N ALA A 269 1.88 -39.03 3.28
CA ALA A 269 3.26 -38.99 3.72
C ALA A 269 4.02 -37.83 3.01
N ALA A 270 3.71 -37.57 1.72
CA ALA A 270 4.34 -36.49 0.95
C ALA A 270 4.02 -35.13 1.59
N PHE A 271 2.76 -34.89 1.98
CA PHE A 271 2.37 -33.62 2.58
C PHE A 271 3.01 -33.46 3.96
N HIS A 272 3.05 -34.55 4.77
CA HIS A 272 3.73 -34.49 6.07
C HIS A 272 5.21 -34.19 5.90
N ASN A 273 5.86 -34.80 4.89
CA ASN A 273 7.29 -34.53 4.66
C ASN A 273 7.51 -33.09 4.16
N PHE A 274 6.64 -32.58 3.29
CA PHE A 274 6.72 -31.18 2.83
C PHE A 274 6.68 -30.20 4.02
N ILE A 275 5.74 -30.40 4.96
CA ILE A 275 5.67 -29.59 6.18
C ILE A 275 6.96 -29.75 7.02
N LYS A 276 7.40 -30.98 7.19
CA LYS A 276 8.61 -31.26 7.98
C LYS A 276 9.84 -30.51 7.42
N VAL A 277 10.02 -30.52 6.08
CA VAL A 277 11.22 -29.93 5.50
C VAL A 277 11.09 -28.39 5.31
N THR A 278 9.91 -27.84 4.93
CA THR A 278 9.78 -26.37 4.86
C THR A 278 9.86 -25.75 6.28
N LEU A 279 9.37 -26.50 7.29
CA LEU A 279 9.45 -26.03 8.67
C LEU A 279 10.71 -26.50 9.37
N THR A 280 11.85 -26.54 8.67
CA THR A 280 13.12 -26.90 9.30
C THR A 280 13.52 -25.71 10.16
N LYS A 281 13.72 -25.92 11.47
CA LYS A 281 14.03 -24.82 12.39
C LYS A 281 15.31 -24.06 11.99
N SER A 282 16.37 -24.78 11.67
CA SER A 282 17.64 -24.16 11.31
C SER A 282 17.61 -23.64 9.88
N PRO A 283 17.84 -22.33 9.68
CA PRO A 283 17.86 -21.81 8.30
C PRO A 283 19.00 -22.37 7.46
N LYS A 284 20.10 -22.81 8.09
CA LYS A 284 21.23 -23.40 7.36
C LYS A 284 20.87 -24.73 6.70
N LYS A 285 19.80 -25.40 7.17
CA LYS A 285 19.35 -26.69 6.65
C LYS A 285 17.97 -26.62 5.95
N ARG A 286 17.31 -25.45 5.93
CA ARG A 286 15.99 -25.33 5.29
C ARG A 286 16.18 -25.29 3.77
N PRO A 287 15.46 -26.14 3.01
CA PRO A 287 15.67 -26.15 1.55
C PRO A 287 15.23 -24.88 0.86
N SER A 288 15.94 -24.54 -0.23
CA SER A 288 15.67 -23.38 -1.07
C SER A 288 14.35 -23.59 -1.85
N ALA A 289 13.84 -22.53 -2.51
CA ALA A 289 12.65 -22.64 -3.34
C ALA A 289 12.88 -23.60 -4.51
N THR A 290 14.06 -23.51 -5.20
CA THR A 290 14.31 -24.45 -6.31
C THR A 290 14.40 -25.92 -5.84
N LYS A 291 14.99 -26.16 -4.66
CA LYS A 291 15.05 -27.54 -4.10
C LYS A 291 13.64 -28.01 -3.78
N MET A 292 12.83 -27.14 -3.15
CA MET A 292 11.46 -27.48 -2.82
C MET A 292 10.62 -27.78 -4.07
N LEU A 293 10.97 -27.15 -5.23
CA LEU A 293 10.24 -27.43 -6.47
C LEU A 293 10.44 -28.87 -6.99
N SER A 294 11.47 -29.57 -6.51
CA SER A 294 11.67 -30.98 -6.86
C SER A 294 11.01 -31.97 -5.85
N HIS A 295 10.31 -31.44 -4.81
CA HIS A 295 9.65 -32.26 -3.79
C HIS A 295 8.46 -33.01 -4.40
N GLN A 296 8.21 -34.26 -3.93
CA GLN A 296 7.11 -35.11 -4.39
C GLN A 296 5.73 -34.38 -4.32
N LEU A 297 5.47 -33.65 -3.23
CA LEU A 297 4.20 -32.92 -3.10
C LEU A 297 3.88 -32.01 -4.30
N VAL A 298 4.88 -31.25 -4.78
CA VAL A 298 4.65 -30.33 -5.92
C VAL A 298 5.09 -30.87 -7.29
N SER A 299 5.50 -32.15 -7.33
CA SER A 299 5.92 -32.88 -8.53
C SER A 299 4.97 -34.08 -8.84
N GLN A 300 3.97 -34.33 -8.00
CA GLN A 300 3.08 -35.48 -8.15
C GLN A 300 2.15 -35.31 -9.36
N PRO A 301 1.62 -36.44 -9.86
CA PRO A 301 0.65 -36.38 -10.94
C PRO A 301 -0.63 -35.64 -10.56
N GLY A 302 -1.24 -35.05 -11.57
CA GLY A 302 -2.55 -34.42 -11.45
C GLY A 302 -2.53 -32.98 -11.00
N LEU A 303 -1.35 -32.34 -11.04
CA LEU A 303 -1.27 -30.93 -10.65
C LEU A 303 -1.51 -30.05 -11.86
N ASN A 304 -2.65 -29.35 -11.86
CA ASN A 304 -3.02 -28.39 -12.92
C ASN A 304 -4.06 -27.39 -12.38
N ARG A 305 -4.30 -26.27 -13.11
CA ARG A 305 -5.23 -25.19 -12.75
C ARG A 305 -6.66 -25.72 -12.50
N GLY A 306 -7.02 -26.87 -13.08
CA GLY A 306 -8.33 -27.48 -12.83
C GLY A 306 -8.66 -27.65 -11.35
N LEU A 307 -7.66 -27.90 -10.52
CA LEU A 307 -7.83 -28.01 -9.08
C LEU A 307 -8.34 -26.69 -8.48
N ILE A 308 -7.81 -25.55 -8.97
CA ILE A 308 -8.22 -24.22 -8.51
C ILE A 308 -9.58 -23.83 -9.10
N LEU A 309 -9.85 -24.26 -10.34
CA LEU A 309 -11.15 -24.01 -10.97
C LEU A 309 -12.25 -24.71 -10.18
N ASP A 310 -11.97 -25.91 -9.60
CA ASP A 310 -12.91 -26.64 -8.73
C ASP A 310 -13.15 -25.85 -7.43
N LEU A 311 -12.08 -25.27 -6.84
CA LEU A 311 -12.18 -24.44 -5.65
C LEU A 311 -13.07 -23.22 -5.95
N LEU A 312 -12.89 -22.60 -7.13
CA LEU A 312 -13.71 -21.45 -7.52
C LEU A 312 -15.16 -21.85 -7.74
N ASP A 313 -15.42 -23.09 -8.21
CA ASP A 313 -16.78 -23.60 -8.39
C ASP A 313 -17.48 -23.71 -7.04
N LYS A 314 -16.75 -24.20 -6.03
CA LYS A 314 -17.28 -24.34 -4.67
C LYS A 314 -17.55 -22.96 -4.06
N LEU A 315 -16.70 -21.97 -4.36
CA LEU A 315 -16.83 -20.60 -3.89
C LEU A 315 -18.09 -19.96 -4.47
N LYS A 316 -18.39 -20.24 -5.75
CA LYS A 316 -19.58 -19.70 -6.42
C LYS A 316 -20.86 -20.40 -5.95
N ASN A 317 -20.77 -21.71 -5.66
CA ASN A 317 -21.93 -22.49 -5.22
C ASN A 317 -21.64 -23.28 -3.94
N PRO B 30 -6.32 31.52 -53.10
CA PRO B 30 -6.17 31.69 -54.55
C PRO B 30 -7.45 31.33 -55.31
N ASP B 31 -7.74 30.03 -55.49
CA ASP B 31 -8.96 29.55 -56.16
C ASP B 31 -10.16 29.46 -55.18
N ILE B 32 -9.95 29.70 -53.88
CA ILE B 32 -11.03 29.65 -52.91
C ILE B 32 -12.04 30.76 -53.17
N PHE B 33 -13.31 30.45 -52.99
CA PHE B 33 -14.39 31.39 -53.20
C PHE B 33 -14.69 32.14 -51.91
N ASN B 34 -14.63 33.47 -51.95
CA ASN B 34 -14.93 34.27 -50.79
C ASN B 34 -16.39 34.63 -50.80
N ARG B 35 -17.22 33.61 -50.54
CA ARG B 35 -18.66 33.70 -50.49
C ARG B 35 -19.25 32.55 -49.66
N ASP B 36 -20.47 32.74 -49.18
CA ASP B 36 -21.16 31.73 -48.40
C ASP B 36 -21.55 30.61 -49.38
N PRO B 37 -21.13 29.35 -49.14
CA PRO B 37 -21.52 28.26 -50.04
C PRO B 37 -23.03 28.03 -50.10
N ARG B 38 -23.77 28.45 -49.07
CA ARG B 38 -25.21 28.35 -49.04
C ARG B 38 -25.91 29.26 -50.06
N ASP B 39 -25.17 30.10 -50.79
CA ASP B 39 -25.66 30.90 -51.90
C ASP B 39 -25.84 29.97 -53.14
N HIS B 40 -24.99 28.91 -53.25
CA HIS B 40 -25.02 27.95 -54.36
C HIS B 40 -25.66 26.60 -53.97
N TYR B 41 -25.59 26.21 -52.67
CA TYR B 41 -26.06 24.91 -52.19
C TYR B 41 -27.02 24.95 -51.00
N ASP B 42 -27.98 24.01 -50.96
CA ASP B 42 -28.84 23.87 -49.80
C ASP B 42 -28.24 22.72 -48.96
N LEU B 43 -28.00 22.93 -47.65
CA LEU B 43 -27.53 21.82 -46.78
C LEU B 43 -28.76 20.96 -46.47
N LEU B 44 -28.66 19.65 -46.72
CA LEU B 44 -29.78 18.73 -46.50
C LEU B 44 -29.71 17.98 -45.19
N GLN B 45 -28.51 17.58 -44.78
CA GLN B 45 -28.34 16.86 -43.52
C GLN B 45 -26.86 16.75 -43.18
N ARG B 46 -26.57 16.45 -41.92
CA ARG B 46 -25.19 16.22 -41.52
C ARG B 46 -24.95 14.74 -41.77
N LEU B 47 -23.88 14.42 -42.50
CA LEU B 47 -23.54 13.04 -42.84
C LEU B 47 -22.67 12.41 -41.76
N GLY B 48 -21.74 13.17 -41.21
CA GLY B 48 -20.84 12.65 -40.20
C GLY B 48 -19.62 13.52 -40.01
N GLY B 49 -18.61 12.98 -39.35
CA GLY B 49 -17.40 13.72 -39.04
C GLY B 49 -16.21 13.46 -39.93
N GLY B 50 -15.18 12.91 -39.34
CA GLY B 50 -13.91 12.68 -40.02
C GLY B 50 -12.75 13.10 -39.12
N THR B 51 -11.51 13.17 -39.67
CA THR B 51 -10.32 13.57 -38.90
C THR B 51 -10.54 14.93 -38.22
N TYR B 52 -11.07 15.89 -38.96
CA TYR B 52 -11.51 17.18 -38.41
C TYR B 52 -12.71 17.70 -39.22
N GLY B 53 -13.46 18.62 -38.61
CA GLY B 53 -14.63 19.22 -39.22
C GLY B 53 -15.81 18.27 -39.31
N GLU B 54 -16.85 18.72 -40.00
CA GLU B 54 -18.03 17.88 -40.18
C GLU B 54 -18.48 17.92 -41.62
N VAL B 55 -19.13 16.88 -42.07
CA VAL B 55 -19.54 16.77 -43.46
C VAL B 55 -21.03 16.80 -43.61
N PHE B 56 -21.53 17.64 -44.52
CA PHE B 56 -22.94 17.77 -44.83
C PHE B 56 -23.22 17.25 -46.20
N LYS B 57 -24.44 16.79 -46.43
CA LYS B 57 -24.93 16.44 -47.75
C LYS B 57 -25.51 17.77 -48.28
N ALA B 58 -25.18 18.18 -49.50
CA ALA B 58 -25.72 19.42 -50.05
C ALA B 58 -26.21 19.24 -51.49
N ARG B 59 -27.15 20.08 -51.93
CA ARG B 59 -27.70 20.00 -53.27
C ARG B 59 -27.51 21.32 -53.99
N ASP B 60 -26.94 21.28 -55.20
CA ASP B 60 -26.71 22.45 -56.05
C ASP B 60 -28.08 23.04 -56.39
N LYS B 61 -28.30 24.29 -55.98
CA LYS B 61 -29.56 24.99 -56.18
C LYS B 61 -30.00 25.04 -57.65
N VAL B 62 -29.07 25.25 -58.58
CA VAL B 62 -29.46 25.37 -59.99
C VAL B 62 -29.52 24.03 -60.75
N SER B 63 -28.62 23.06 -60.46
CA SER B 63 -28.62 21.79 -61.22
C SER B 63 -29.22 20.59 -60.51
N GLY B 64 -29.33 20.67 -59.19
CA GLY B 64 -29.83 19.54 -58.42
C GLY B 64 -28.74 18.52 -58.06
N ASP B 65 -27.51 18.71 -58.56
CA ASP B 65 -26.40 17.80 -58.28
C ASP B 65 -26.12 17.72 -56.78
N LEU B 66 -25.90 16.51 -56.26
CA LEU B 66 -25.56 16.35 -54.85
C LEU B 66 -24.05 16.38 -54.67
N VAL B 67 -23.62 16.99 -53.58
CA VAL B 67 -22.21 17.12 -53.21
C VAL B 67 -22.10 16.92 -51.67
N ALA B 68 -20.88 16.73 -51.19
CA ALA B 68 -20.60 16.68 -49.77
C ALA B 68 -19.81 17.95 -49.46
N LEU B 69 -20.21 18.66 -48.43
CA LEU B 69 -19.55 19.90 -48.02
C LEU B 69 -18.94 19.70 -46.63
N LYS B 70 -17.63 19.69 -46.55
CA LYS B 70 -16.92 19.56 -45.28
C LYS B 70 -16.70 20.94 -44.68
N MET B 71 -17.23 21.20 -43.49
CA MET B 71 -17.10 22.48 -42.81
C MET B 71 -16.07 22.39 -41.68
N VAL B 72 -15.16 23.37 -41.61
CA VAL B 72 -14.11 23.46 -40.63
C VAL B 72 -14.18 24.84 -39.96
N LYS B 73 -14.32 24.88 -38.63
CA LYS B 73 -14.38 26.13 -37.86
C LYS B 73 -12.98 26.56 -37.53
N MET B 74 -12.67 27.83 -37.77
CA MET B 74 -11.35 28.38 -37.47
C MET B 74 -11.45 29.70 -36.66
N GLU B 75 -10.29 30.28 -36.31
CA GLU B 75 -10.20 31.56 -35.63
C GLU B 75 -9.24 32.46 -36.42
N PRO B 76 -9.37 33.81 -36.32
CA PRO B 76 -8.48 34.69 -37.10
C PRO B 76 -7.00 34.41 -36.87
N ASP B 77 -6.62 34.18 -35.61
CA ASP B 77 -5.22 33.86 -35.29
C ASP B 77 -5.04 32.35 -35.25
N ASP B 78 -5.05 31.72 -36.43
CA ASP B 78 -4.87 30.28 -36.52
C ASP B 78 -3.91 29.94 -37.63
N ASP B 79 -3.09 28.93 -37.40
CA ASP B 79 -2.20 28.41 -38.44
C ASP B 79 -3.13 27.58 -39.33
N VAL B 80 -3.20 27.92 -40.61
CA VAL B 80 -4.07 27.22 -41.54
C VAL B 80 -3.29 26.35 -42.53
N SER B 81 -2.02 26.01 -42.23
CA SER B 81 -1.23 25.23 -43.16
C SER B 81 -1.82 23.85 -43.41
N THR B 82 -2.47 23.19 -42.41
CA THR B 82 -3.06 21.86 -42.68
C THR B 82 -4.26 21.99 -43.62
N LEU B 83 -5.09 23.04 -43.47
CA LEU B 83 -6.23 23.23 -44.36
C LEU B 83 -5.73 23.49 -45.79
N GLN B 84 -4.67 24.29 -45.91
CA GLN B 84 -4.04 24.60 -47.19
C GLN B 84 -3.53 23.34 -47.86
N LYS B 85 -2.86 22.47 -47.08
CA LYS B 85 -2.32 21.23 -47.62
C LYS B 85 -3.41 20.24 -48.00
N GLU B 86 -4.52 20.23 -47.26
CA GLU B 86 -5.63 19.35 -47.60
C GLU B 86 -6.26 19.74 -48.93
N ILE B 87 -6.49 21.05 -49.15
CA ILE B 87 -7.10 21.46 -50.41
C ILE B 87 -6.07 21.24 -51.54
N LEU B 88 -4.77 21.44 -51.29
CA LEU B 88 -3.76 21.16 -52.32
C LEU B 88 -3.80 19.69 -52.76
N ILE B 89 -3.82 18.74 -51.79
CA ILE B 89 -3.91 17.32 -52.10
C ILE B 89 -5.18 17.01 -52.92
N LEU B 90 -6.34 17.47 -52.46
CA LEU B 90 -7.61 17.20 -53.16
C LEU B 90 -7.66 17.76 -54.58
N LYS B 91 -7.24 19.01 -54.75
CA LYS B 91 -7.25 19.73 -56.01
C LYS B 91 -6.33 19.12 -57.05
N THR B 92 -5.20 18.55 -56.62
CA THR B 92 -4.25 17.97 -57.56
C THR B 92 -4.51 16.47 -57.84
N CYS B 93 -5.57 15.88 -57.25
CA CYS B 93 -5.93 14.49 -57.57
C CYS B 93 -6.95 14.53 -58.69
N ARG B 94 -6.78 13.67 -59.68
CA ARG B 94 -7.71 13.52 -60.77
C ARG B 94 -7.71 12.04 -61.12
N HIS B 95 -8.43 11.25 -60.31
CA HIS B 95 -8.50 9.80 -60.49
C HIS B 95 -9.86 9.35 -59.99
N ALA B 96 -10.52 8.45 -60.72
CA ALA B 96 -11.85 8.00 -60.35
C ALA B 96 -11.95 7.39 -58.96
N ASN B 97 -10.87 6.77 -58.45
CA ASN B 97 -10.93 6.14 -57.11
C ASN B 97 -10.58 7.10 -55.96
N ILE B 98 -10.52 8.42 -56.23
CA ILE B 98 -10.26 9.43 -55.19
C ILE B 98 -11.43 10.37 -55.28
N VAL B 99 -12.08 10.73 -54.16
CA VAL B 99 -13.21 11.69 -54.22
C VAL B 99 -12.88 12.97 -55.06
N ALA B 100 -13.79 13.31 -55.96
CA ALA B 100 -13.64 14.50 -56.80
C ALA B 100 -13.70 15.76 -55.94
N TYR B 101 -12.94 16.78 -56.30
CA TYR B 101 -12.89 18.05 -55.59
C TYR B 101 -13.55 19.10 -56.48
N HIS B 102 -14.50 19.84 -55.92
CA HIS B 102 -15.25 20.84 -56.69
C HIS B 102 -14.97 22.28 -56.28
N GLY B 103 -14.07 22.51 -55.33
CA GLY B 103 -13.77 23.88 -54.89
C GLY B 103 -13.96 24.08 -53.40
N SER B 104 -13.46 25.23 -52.89
CA SER B 104 -13.55 25.56 -51.47
C SER B 104 -14.10 26.97 -51.25
N TYR B 105 -14.79 27.18 -50.14
CA TYR B 105 -15.38 28.47 -49.82
C TYR B 105 -14.89 28.94 -48.47
N LEU B 106 -14.49 30.20 -48.35
CA LEU B 106 -14.13 30.76 -47.06
C LEU B 106 -15.24 31.77 -46.72
N TRP B 107 -15.93 31.57 -45.58
CA TRP B 107 -16.99 32.51 -45.18
C TRP B 107 -17.06 32.64 -43.66
N LEU B 108 -16.95 33.87 -43.11
CA LEU B 108 -17.01 34.06 -41.64
C LEU B 108 -16.29 32.99 -40.75
N GLN B 109 -14.98 32.87 -40.85
CA GLN B 109 -14.22 31.91 -39.99
C GLN B 109 -14.60 30.42 -40.18
N LYS B 110 -15.26 30.08 -41.28
CA LYS B 110 -15.57 28.69 -41.58
C LYS B 110 -15.08 28.41 -42.98
N LEU B 111 -14.34 27.33 -43.16
CA LEU B 111 -13.87 26.91 -44.47
C LEU B 111 -14.76 25.71 -44.88
N TRP B 112 -15.25 25.73 -46.11
CA TRP B 112 -16.12 24.68 -46.61
C TRP B 112 -15.48 24.07 -47.83
N ILE B 113 -15.16 22.79 -47.78
CA ILE B 113 -14.52 22.06 -48.87
C ILE B 113 -15.57 21.20 -49.58
N CYS B 114 -15.78 21.44 -50.86
CA CYS B 114 -16.79 20.77 -51.65
C CYS B 114 -16.21 19.57 -52.40
N MET B 115 -16.75 18.37 -52.12
CA MET B 115 -16.26 17.11 -52.71
C MET B 115 -17.42 16.22 -53.17
N GLU B 116 -17.07 15.11 -53.82
CA GLU B 116 -17.99 14.13 -54.36
C GLU B 116 -18.86 13.52 -53.27
N PHE B 117 -20.14 13.40 -53.54
CA PHE B 117 -21.06 12.75 -52.63
C PHE B 117 -21.13 11.27 -53.02
N CYS B 118 -20.96 10.36 -52.05
CA CYS B 118 -21.06 8.92 -52.30
C CYS B 118 -22.22 8.41 -51.48
N GLY B 119 -23.31 8.11 -52.18
CA GLY B 119 -24.60 7.71 -51.64
C GLY B 119 -24.71 6.69 -50.54
N ALA B 120 -23.87 5.67 -50.56
CA ALA B 120 -23.93 4.61 -49.54
C ALA B 120 -23.03 4.84 -48.33
N GLY B 121 -22.35 5.97 -48.25
CA GLY B 121 -21.46 6.26 -47.14
C GLY B 121 -20.20 5.44 -47.21
N SER B 122 -19.58 5.14 -46.07
CA SER B 122 -18.35 4.36 -46.03
C SER B 122 -18.64 2.86 -45.88
N LEU B 123 -17.66 2.01 -46.16
CA LEU B 123 -17.79 0.57 -45.98
C LEU B 123 -18.06 0.22 -44.51
N GLN B 124 -17.52 1.02 -43.56
CA GLN B 124 -17.79 0.79 -42.13
C GLN B 124 -19.29 0.99 -41.85
N ASP B 125 -19.88 2.06 -42.39
CA ASP B 125 -21.32 2.31 -42.25
C ASP B 125 -22.14 1.15 -42.82
N ILE B 126 -21.69 0.60 -43.93
CA ILE B 126 -22.36 -0.50 -44.60
C ILE B 126 -22.23 -1.82 -43.87
N TYR B 127 -21.01 -2.29 -43.55
CA TYR B 127 -20.86 -3.61 -42.91
C TYR B 127 -21.50 -3.66 -41.51
N GLN B 128 -21.64 -2.51 -40.84
CA GLN B 128 -22.32 -2.48 -39.55
C GLN B 128 -23.81 -2.89 -39.71
N VAL B 129 -24.40 -2.70 -40.91
CA VAL B 129 -25.79 -3.12 -41.20
C VAL B 129 -25.79 -4.51 -41.90
N THR B 130 -24.92 -4.70 -42.90
CA THR B 130 -24.92 -5.93 -43.69
C THR B 130 -24.22 -7.13 -43.10
N GLY B 131 -23.27 -6.89 -42.24
CA GLY B 131 -22.37 -7.93 -41.76
C GLY B 131 -21.23 -8.10 -42.75
N SER B 132 -20.43 -9.14 -42.56
CA SER B 132 -19.23 -9.47 -43.33
C SER B 132 -19.37 -9.37 -44.85
N LEU B 133 -18.36 -8.81 -45.52
CA LEU B 133 -18.36 -8.79 -46.98
C LEU B 133 -17.86 -10.17 -47.46
N SER B 134 -18.24 -10.55 -48.67
CA SER B 134 -17.76 -11.81 -49.26
C SER B 134 -16.32 -11.59 -49.75
N GLU B 135 -15.60 -12.68 -50.04
CA GLU B 135 -14.23 -12.53 -50.56
C GLU B 135 -14.20 -11.78 -51.90
N LEU B 136 -15.15 -12.04 -52.81
CA LEU B 136 -15.20 -11.33 -54.10
C LEU B 136 -15.45 -9.83 -53.89
N GLN B 137 -16.37 -9.46 -52.97
CA GLN B 137 -16.63 -8.05 -52.64
C GLN B 137 -15.35 -7.40 -52.12
N ILE B 138 -14.63 -8.09 -51.21
CA ILE B 138 -13.37 -7.58 -50.65
C ILE B 138 -12.33 -7.42 -51.74
N SER B 139 -12.19 -8.41 -52.62
CA SER B 139 -11.20 -8.40 -53.71
C SER B 139 -11.47 -7.21 -54.65
N TYR B 140 -12.75 -6.93 -54.96
CA TYR B 140 -13.08 -5.78 -55.82
C TYR B 140 -12.69 -4.49 -55.08
N VAL B 141 -13.08 -4.35 -53.81
CA VAL B 141 -12.73 -3.15 -53.01
C VAL B 141 -11.20 -2.97 -52.96
N CYS B 142 -10.46 -4.05 -52.70
CA CYS B 142 -8.99 -4.00 -52.67
C CYS B 142 -8.39 -3.55 -54.01
N ARG B 143 -8.95 -4.00 -55.13
CA ARG B 143 -8.43 -3.59 -56.44
C ARG B 143 -8.64 -2.09 -56.64
N GLU B 144 -9.83 -1.60 -56.28
CA GLU B 144 -10.20 -0.20 -56.42
C GLU B 144 -9.35 0.67 -55.52
N VAL B 145 -9.16 0.27 -54.26
CA VAL B 145 -8.30 1.00 -53.32
C VAL B 145 -6.86 0.99 -53.84
N LEU B 146 -6.35 -0.15 -54.31
CA LEU B 146 -4.98 -0.24 -54.85
C LEU B 146 -4.79 0.67 -56.07
N GLN B 147 -5.83 0.84 -56.92
CA GLN B 147 -5.74 1.75 -58.06
C GLN B 147 -5.60 3.19 -57.55
N GLY B 148 -6.40 3.54 -56.53
CA GLY B 148 -6.33 4.87 -55.91
C GLY B 148 -4.99 5.14 -55.28
N LEU B 149 -4.44 4.14 -54.56
CA LEU B 149 -3.16 4.22 -53.86
C LEU B 149 -2.00 4.33 -54.84
N ALA B 150 -1.99 3.56 -55.93
CA ALA B 150 -0.96 3.60 -56.96
C ALA B 150 -0.92 5.00 -57.58
N TYR B 151 -2.10 5.61 -57.79
CA TYR B 151 -2.19 6.97 -58.31
C TYR B 151 -1.58 7.97 -57.30
N LEU B 152 -2.02 7.92 -56.03
CA LEU B 152 -1.51 8.79 -54.97
C LEU B 152 0.01 8.65 -54.81
N HIS B 153 0.51 7.42 -54.75
CA HIS B 153 1.94 7.15 -54.58
C HIS B 153 2.78 7.64 -55.76
N SER B 154 2.25 7.60 -56.99
CA SER B 154 2.92 8.13 -58.19
C SER B 154 3.05 9.66 -58.13
N GLN B 155 2.16 10.34 -57.39
CA GLN B 155 2.21 11.79 -57.17
C GLN B 155 2.96 12.14 -55.85
N LYS B 156 3.65 11.17 -55.24
CA LYS B 156 4.38 11.31 -53.97
C LYS B 156 3.45 11.62 -52.79
N LYS B 157 2.18 11.22 -52.88
CA LYS B 157 1.23 11.42 -51.79
C LYS B 157 1.09 10.13 -50.99
N ILE B 158 0.84 10.26 -49.70
CA ILE B 158 0.62 9.12 -48.83
C ILE B 158 -0.71 9.37 -48.15
N HIS B 159 -1.66 8.43 -48.23
CA HIS B 159 -2.96 8.61 -47.57
C HIS B 159 -2.83 8.58 -46.04
N ARG B 160 -2.15 7.54 -45.51
CA ARG B 160 -1.85 7.32 -44.07
C ARG B 160 -3.09 7.03 -43.20
N ASP B 161 -4.28 6.95 -43.80
CA ASP B 161 -5.49 6.68 -43.01
C ASP B 161 -6.47 5.73 -43.71
N ILE B 162 -5.95 4.69 -44.36
CA ILE B 162 -6.75 3.66 -45.03
C ILE B 162 -7.41 2.80 -43.93
N LYS B 163 -8.74 2.65 -44.05
CA LYS B 163 -9.61 1.95 -43.14
C LYS B 163 -10.99 1.98 -43.77
N GLY B 164 -11.86 1.08 -43.34
CA GLY B 164 -13.23 0.99 -43.85
C GLY B 164 -14.00 2.31 -43.83
N ALA B 165 -13.81 3.12 -42.78
CA ALA B 165 -14.50 4.40 -42.61
C ALA B 165 -14.11 5.44 -43.64
N ASN B 166 -12.95 5.27 -44.33
CA ASN B 166 -12.48 6.21 -45.34
C ASN B 166 -12.61 5.72 -46.78
N ILE B 167 -13.21 4.55 -46.99
CA ILE B 167 -13.43 4.03 -48.33
C ILE B 167 -14.94 4.15 -48.55
N LEU B 168 -15.33 5.03 -49.44
CA LEU B 168 -16.72 5.32 -49.71
C LEU B 168 -17.26 4.55 -50.91
N ILE B 169 -18.57 4.36 -50.91
CA ILE B 169 -19.28 3.64 -51.96
C ILE B 169 -20.39 4.53 -52.47
N ASN B 170 -20.48 4.68 -53.80
CA ASN B 170 -21.58 5.48 -54.36
C ASN B 170 -22.76 4.54 -54.73
N ASP B 171 -23.91 5.10 -55.16
CA ASP B 171 -25.07 4.26 -55.52
C ASP B 171 -24.81 3.29 -56.66
N ALA B 172 -23.79 3.53 -57.49
CA ALA B 172 -23.46 2.60 -58.57
C ALA B 172 -22.48 1.48 -58.16
N GLY B 173 -22.11 1.42 -56.88
CA GLY B 173 -21.17 0.41 -56.37
C GLY B 173 -19.71 0.77 -56.61
N GLU B 174 -19.43 2.01 -56.96
CA GLU B 174 -18.07 2.46 -57.23
C GLU B 174 -17.36 2.86 -55.92
N VAL B 175 -16.04 2.75 -55.91
CA VAL B 175 -15.24 2.95 -54.72
C VAL B 175 -14.41 4.22 -54.82
N ARG B 176 -14.40 5.02 -53.75
CA ARG B 176 -13.61 6.24 -53.67
C ARG B 176 -12.92 6.38 -52.30
N LEU B 177 -11.63 6.72 -52.32
CA LEU B 177 -10.88 7.04 -51.09
C LEU B 177 -11.26 8.45 -50.66
N ALA B 178 -11.37 8.68 -49.36
CA ALA B 178 -11.74 9.98 -48.81
C ALA B 178 -10.93 10.28 -47.51
N ASP B 179 -11.08 11.49 -46.97
CA ASP B 179 -10.46 11.99 -45.76
C ASP B 179 -8.97 12.05 -45.85
N PHE B 180 -8.49 13.16 -46.40
CA PHE B 180 -7.07 13.44 -46.48
C PHE B 180 -6.58 14.28 -45.26
N GLY B 181 -7.41 14.39 -44.21
CA GLY B 181 -7.08 15.15 -43.01
C GLY B 181 -5.80 14.69 -42.35
N ILE B 182 -5.61 13.35 -42.18
CA ILE B 182 -4.40 12.83 -41.58
C ILE B 182 -3.17 13.15 -42.43
N SER B 183 -3.24 12.93 -43.77
CA SER B 183 -2.07 13.25 -44.62
C SER B 183 -1.78 14.76 -44.62
N ALA B 184 -2.83 15.61 -44.55
CA ALA B 184 -2.64 17.07 -44.53
C ALA B 184 -1.97 17.46 -43.23
N GLN B 185 -2.42 16.90 -42.09
CA GLN B 185 -1.82 17.19 -40.78
C GLN B 185 -0.35 16.78 -40.76
N ILE B 186 -0.05 15.62 -41.36
CA ILE B 186 1.33 15.15 -41.45
C ILE B 186 2.19 16.05 -42.33
N GLY B 187 1.67 16.44 -43.48
CA GLY B 187 2.37 17.34 -44.39
C GLY B 187 2.65 18.68 -43.75
N ALA B 188 1.66 19.23 -43.01
CA ALA B 188 1.81 20.52 -42.33
C ALA B 188 2.80 20.45 -41.17
N GLU B 189 2.79 19.33 -40.44
CA GLU B 189 3.71 19.15 -39.31
C GLU B 189 5.15 19.03 -39.82
N LEU B 190 5.35 18.32 -40.93
CA LEU B 190 6.67 18.17 -41.55
C LEU B 190 7.23 19.53 -41.99
N ALA B 191 6.39 20.40 -42.55
CA ALA B 191 6.79 21.72 -43.00
C ALA B 191 7.14 22.65 -41.83
N ARG B 192 6.37 22.57 -40.74
CA ARG B 192 6.58 23.38 -39.54
C ARG B 192 7.85 22.95 -38.83
N ARG B 193 8.09 21.61 -38.74
CA ARG B 193 9.30 21.05 -38.12
C ARG B 193 10.55 21.44 -38.91
N LEU B 194 10.43 21.46 -40.25
CA LEU B 194 11.51 21.84 -41.14
C LEU B 194 11.86 23.32 -40.95
N GLU B 195 10.85 24.17 -40.74
CA GLU B 195 11.00 25.61 -40.55
C GLU B 195 11.65 25.95 -39.21
N PHE B 196 11.26 25.26 -38.14
CA PHE B 196 11.80 25.52 -36.82
C PHE B 196 12.84 24.48 -36.39
N ILE B 197 13.54 23.86 -37.36
CA ILE B 197 14.55 22.86 -37.05
C ILE B 197 15.76 23.48 -36.34
N GLY B 198 16.09 24.73 -36.67
CA GLY B 198 17.24 25.43 -36.10
C GLY B 198 18.54 24.94 -36.70
N THR B 199 19.68 25.31 -36.08
CA THR B 199 20.99 24.87 -36.58
C THR B 199 21.13 23.35 -36.56
N PRO B 200 21.49 22.75 -37.69
CA PRO B 200 21.58 21.29 -37.76
C PRO B 200 22.97 20.70 -37.57
N TYR B 201 23.99 21.54 -37.39
CA TYR B 201 25.39 21.13 -37.35
C TYR B 201 25.75 20.06 -36.31
N TRP B 202 25.04 20.00 -35.18
CA TRP B 202 25.31 18.98 -34.16
C TRP B 202 24.35 17.80 -34.19
N MET B 203 23.37 17.84 -35.10
CA MET B 203 22.33 16.83 -35.26
C MET B 203 22.83 15.53 -35.86
N ALA B 204 22.48 14.40 -35.26
CA ALA B 204 22.85 13.08 -35.77
C ALA B 204 22.09 12.83 -37.11
N PRO B 205 22.64 12.00 -38.02
CA PRO B 205 21.98 11.80 -39.32
C PRO B 205 20.57 11.21 -39.23
N GLU B 206 20.34 10.29 -38.30
CA GLU B 206 19.02 9.70 -38.12
C GLU B 206 17.98 10.71 -37.58
N VAL B 207 18.43 11.79 -36.92
CA VAL B 207 17.54 12.85 -36.47
C VAL B 207 17.16 13.73 -37.64
N ALA B 208 18.12 14.03 -38.51
CA ALA B 208 17.88 14.81 -39.70
C ALA B 208 16.98 14.03 -40.67
N ALA B 209 17.18 12.71 -40.79
CA ALA B 209 16.41 11.88 -41.71
C ALA B 209 14.94 11.83 -41.32
N VAL B 210 14.64 11.65 -40.01
CA VAL B 210 13.26 11.64 -39.56
C VAL B 210 12.64 13.05 -39.68
N ALA B 211 13.44 14.12 -39.50
CA ALA B 211 12.93 15.49 -39.64
C ALA B 211 12.61 15.83 -41.09
N LEU B 212 13.33 15.25 -42.06
CA LEU B 212 13.08 15.56 -43.47
C LEU B 212 12.07 14.62 -44.12
N LYS B 213 12.19 13.32 -43.88
CA LYS B 213 11.39 12.28 -44.52
C LYS B 213 10.22 11.78 -43.67
N GLY B 214 10.39 11.67 -42.36
CA GLY B 214 9.30 11.26 -41.48
C GLY B 214 9.44 9.93 -40.77
N GLY B 215 10.40 9.10 -41.18
CA GLY B 215 10.61 7.80 -40.55
C GLY B 215 9.90 6.63 -41.21
N TYR B 216 9.15 6.90 -42.29
CA TYR B 216 8.44 5.86 -43.03
C TYR B 216 8.05 6.38 -44.42
N ASN B 217 7.55 5.49 -45.29
CA ASN B 217 7.18 5.89 -46.65
C ASN B 217 5.74 5.38 -47.03
N GLU B 218 5.35 5.54 -48.30
CA GLU B 218 4.05 5.20 -48.87
C GLU B 218 3.64 3.73 -48.66
N LEU B 219 4.60 2.82 -48.41
CA LEU B 219 4.25 1.42 -48.18
C LEU B 219 3.45 1.19 -46.89
N CYS B 220 3.35 2.22 -46.02
CA CYS B 220 2.50 2.15 -44.84
C CYS B 220 1.02 1.93 -45.28
N ASP B 221 0.62 2.50 -46.44
CA ASP B 221 -0.74 2.38 -46.97
C ASP B 221 -1.07 0.95 -47.38
N ILE B 222 -0.07 0.17 -47.84
CA ILE B 222 -0.26 -1.21 -48.28
C ILE B 222 -0.61 -2.09 -47.08
N TRP B 223 0.11 -1.91 -45.96
CA TRP B 223 -0.18 -2.60 -44.70
C TRP B 223 -1.61 -2.21 -44.25
N SER B 224 -1.95 -0.91 -44.29
CA SER B 224 -3.28 -0.47 -43.86
C SER B 224 -4.40 -1.10 -44.70
N LEU B 225 -4.14 -1.32 -45.99
CA LEU B 225 -5.11 -1.98 -46.87
C LEU B 225 -5.29 -3.45 -46.45
N GLY B 226 -4.21 -4.11 -46.05
CA GLY B 226 -4.26 -5.49 -45.56
C GLY B 226 -5.13 -5.63 -44.32
N ILE B 227 -4.95 -4.69 -43.36
CA ILE B 227 -5.76 -4.63 -42.13
C ILE B 227 -7.23 -4.35 -42.48
N THR B 228 -7.47 -3.44 -43.45
CA THR B 228 -8.80 -3.12 -43.89
C THR B 228 -9.48 -4.34 -44.52
N ALA B 229 -8.75 -5.17 -45.30
CA ALA B 229 -9.33 -6.38 -45.89
C ALA B 229 -9.82 -7.33 -44.77
N ILE B 230 -9.04 -7.45 -43.70
CA ILE B 230 -9.46 -8.26 -42.56
C ILE B 230 -10.69 -7.59 -41.87
N GLU B 231 -10.67 -6.28 -41.69
CA GLU B 231 -11.81 -5.53 -41.11
C GLU B 231 -13.10 -5.78 -41.90
N LEU B 232 -13.02 -5.79 -43.24
CA LEU B 232 -14.21 -6.03 -44.08
C LEU B 232 -14.73 -7.49 -43.95
N ALA B 233 -13.81 -8.41 -43.68
CA ALA B 233 -14.10 -9.84 -43.50
C ALA B 233 -14.63 -10.15 -42.11
N GLU B 234 -14.10 -9.46 -41.07
CA GLU B 234 -14.39 -9.80 -39.65
C GLU B 234 -15.13 -8.75 -38.85
N LEU B 235 -15.47 -7.60 -39.47
CA LEU B 235 -16.23 -6.48 -38.88
C LEU B 235 -15.45 -5.64 -37.87
N GLN B 236 -14.15 -5.88 -37.75
CA GLN B 236 -13.25 -5.14 -36.89
C GLN B 236 -11.80 -5.47 -37.30
N PRO B 237 -10.88 -4.50 -37.11
CA PRO B 237 -9.48 -4.80 -37.41
C PRO B 237 -8.91 -5.72 -36.32
N PRO B 238 -7.81 -6.43 -36.62
CA PRO B 238 -7.19 -7.27 -35.58
C PRO B 238 -6.84 -6.49 -34.32
N LEU B 239 -7.02 -7.11 -33.17
CA LEU B 239 -6.70 -6.56 -31.86
C LEU B 239 -7.56 -5.35 -31.46
N PHE B 240 -8.74 -5.15 -32.12
CA PHE B 240 -9.66 -4.04 -31.82
C PHE B 240 -10.13 -4.04 -30.37
N ASP B 241 -10.14 -5.20 -29.71
CA ASP B 241 -10.57 -5.28 -28.31
C ASP B 241 -9.45 -4.98 -27.30
N VAL B 242 -8.22 -4.78 -27.77
CA VAL B 242 -7.04 -4.51 -26.97
C VAL B 242 -6.82 -3.00 -26.83
N HIS B 243 -6.29 -2.56 -25.66
CA HIS B 243 -6.02 -1.15 -25.41
C HIS B 243 -5.12 -0.56 -26.50
N PRO B 244 -5.54 0.57 -27.10
CA PRO B 244 -4.78 1.13 -28.22
C PRO B 244 -3.29 1.35 -27.97
N LEU B 245 -2.95 1.80 -26.75
CA LEU B 245 -1.56 2.04 -26.39
C LEU B 245 -0.78 0.73 -26.30
N ARG B 246 -1.42 -0.36 -25.87
CA ARG B 246 -0.80 -1.69 -25.80
C ARG B 246 -0.57 -2.24 -27.22
N VAL B 247 -1.50 -1.97 -28.15
CA VAL B 247 -1.33 -2.40 -29.54
C VAL B 247 -0.13 -1.69 -30.15
N LEU B 248 0.05 -0.37 -29.84
CA LEU B 248 1.22 0.39 -30.30
C LEU B 248 2.50 -0.28 -29.82
N PHE B 249 2.57 -0.64 -28.53
CA PHE B 249 3.71 -1.30 -27.91
C PHE B 249 4.05 -2.64 -28.53
N LEU B 250 3.04 -3.49 -28.75
CA LEU B 250 3.25 -4.81 -29.33
C LEU B 250 3.85 -4.73 -30.72
N MET B 251 3.35 -3.82 -31.56
CA MET B 251 3.83 -3.64 -32.91
C MET B 251 5.29 -3.23 -32.97
N THR B 252 5.76 -2.48 -31.97
CA THR B 252 7.15 -2.02 -31.92
C THR B 252 8.12 -3.11 -31.40
N LYS B 253 7.63 -4.27 -30.96
CA LYS B 253 8.50 -5.33 -30.46
C LYS B 253 9.08 -6.15 -31.61
N SER B 254 10.36 -6.48 -31.53
CA SER B 254 11.00 -7.33 -32.54
C SER B 254 10.70 -8.75 -32.12
N GLY B 255 9.47 -9.15 -32.43
CA GLY B 255 8.84 -10.43 -32.12
C GLY B 255 7.36 -10.42 -32.45
N TYR B 256 6.81 -9.27 -32.93
CA TYR B 256 5.42 -9.05 -33.31
C TYR B 256 5.13 -9.86 -34.55
N GLN B 257 4.02 -10.59 -34.56
CA GLN B 257 3.65 -11.35 -35.73
C GLN B 257 2.53 -10.61 -36.44
N PRO B 258 2.64 -10.43 -37.77
CA PRO B 258 1.55 -9.77 -38.50
C PRO B 258 0.24 -10.54 -38.33
N PRO B 259 -0.89 -9.83 -38.31
CA PRO B 259 -2.17 -10.51 -38.16
C PRO B 259 -2.52 -11.41 -39.35
N ARG B 260 -3.49 -12.29 -39.14
CA ARG B 260 -4.00 -13.21 -40.15
C ARG B 260 -5.54 -13.23 -40.07
N LEU B 261 -6.21 -13.75 -41.11
CA LEU B 261 -7.66 -13.95 -41.07
C LEU B 261 -7.91 -15.11 -40.06
N LYS B 262 -8.87 -14.96 -39.14
CA LYS B 262 -9.17 -15.95 -38.09
C LYS B 262 -9.83 -17.23 -38.60
N GLU B 263 -10.83 -17.12 -39.48
CA GLU B 263 -11.54 -18.30 -39.97
C GLU B 263 -10.82 -18.89 -41.17
N LYS B 264 -9.84 -19.76 -40.96
CA LYS B 264 -9.05 -20.33 -42.05
C LYS B 264 -9.85 -20.94 -43.23
N GLY B 265 -10.81 -21.82 -42.94
CA GLY B 265 -11.58 -22.52 -43.98
C GLY B 265 -12.61 -21.71 -44.76
N LYS B 266 -12.80 -20.45 -44.39
CA LYS B 266 -13.81 -19.60 -45.04
C LYS B 266 -13.28 -18.90 -46.30
N TRP B 267 -11.96 -18.79 -46.41
CA TRP B 267 -11.28 -18.00 -47.41
C TRP B 267 -10.34 -18.81 -48.28
N SER B 268 -10.14 -18.35 -49.52
CA SER B 268 -9.26 -18.96 -50.51
C SER B 268 -7.80 -18.83 -50.14
N ALA B 269 -6.93 -19.64 -50.78
CA ALA B 269 -5.49 -19.52 -50.58
C ALA B 269 -5.00 -18.13 -51.07
N ALA B 270 -5.62 -17.60 -52.13
CA ALA B 270 -5.23 -16.30 -52.67
C ALA B 270 -5.50 -15.17 -51.67
N PHE B 271 -6.63 -15.23 -50.95
CA PHE B 271 -6.95 -14.17 -49.97
C PHE B 271 -5.99 -14.28 -48.79
N HIS B 272 -5.68 -15.51 -48.31
CA HIS B 272 -4.69 -15.61 -47.20
C HIS B 272 -3.32 -15.08 -47.66
N ASN B 273 -2.94 -15.35 -48.92
CA ASN B 273 -1.66 -14.87 -49.45
C ASN B 273 -1.62 -13.34 -49.62
N PHE B 274 -2.74 -12.75 -50.01
CA PHE B 274 -2.83 -11.29 -50.17
C PHE B 274 -2.62 -10.62 -48.79
N ILE B 275 -3.22 -11.19 -47.75
CA ILE B 275 -3.06 -10.70 -46.39
C ILE B 275 -1.59 -10.87 -45.95
N LYS B 276 -1.00 -12.04 -46.27
CA LYS B 276 0.39 -12.32 -45.91
C LYS B 276 1.38 -11.31 -46.54
N VAL B 277 1.23 -11.04 -47.84
CA VAL B 277 2.15 -10.13 -48.53
C VAL B 277 1.87 -8.64 -48.19
N THR B 278 0.60 -8.19 -48.07
CA THR B 278 0.37 -6.77 -47.71
C THR B 278 0.84 -6.53 -46.26
N LEU B 279 0.64 -7.51 -45.36
CA LEU B 279 1.09 -7.38 -44.00
C LEU B 279 2.53 -7.87 -43.79
N THR B 280 3.43 -7.49 -44.69
CA THR B 280 4.86 -7.79 -44.53
C THR B 280 5.39 -6.78 -43.51
N LYS B 281 5.97 -7.27 -42.41
CA LYS B 281 6.46 -6.42 -41.31
C LYS B 281 7.48 -5.40 -41.79
N SER B 282 8.47 -5.85 -42.55
CA SER B 282 9.53 -4.96 -43.03
C SER B 282 9.06 -4.12 -44.23
N PRO B 283 9.07 -2.78 -44.10
CA PRO B 283 8.69 -1.94 -45.24
C PRO B 283 9.62 -2.11 -46.45
N LYS B 284 10.87 -2.59 -46.25
CA LYS B 284 11.78 -2.82 -47.37
C LYS B 284 11.37 -4.00 -48.25
N LYS B 285 10.57 -4.94 -47.72
CA LYS B 285 10.11 -6.11 -48.49
C LYS B 285 8.59 -6.06 -48.83
N ARG B 286 7.85 -5.10 -48.28
CA ARG B 286 6.41 -4.98 -48.54
C ARG B 286 6.19 -4.52 -49.98
N PRO B 287 5.34 -5.23 -50.73
CA PRO B 287 5.13 -4.85 -52.14
C PRO B 287 4.42 -3.51 -52.33
N SER B 288 4.69 -2.86 -53.46
CA SER B 288 4.11 -1.58 -53.82
C SER B 288 2.64 -1.77 -54.27
N ALA B 289 1.91 -0.65 -54.43
CA ALA B 289 0.53 -0.70 -54.89
C ALA B 289 0.44 -1.22 -56.32
N THR B 290 1.40 -0.85 -57.18
CA THR B 290 1.40 -1.36 -58.56
C THR B 290 1.70 -2.85 -58.60
N LYS B 291 2.61 -3.33 -57.76
CA LYS B 291 2.91 -4.76 -57.70
C LYS B 291 1.69 -5.54 -57.19
N MET B 292 1.03 -5.02 -56.13
CA MET B 292 -0.15 -5.67 -55.59
C MET B 292 -1.28 -5.77 -56.62
N LEU B 293 -1.36 -4.81 -57.58
CA LEU B 293 -2.38 -4.88 -58.63
C LEU B 293 -2.26 -6.14 -59.49
N SER B 294 -1.07 -6.76 -59.54
CA SER B 294 -0.87 -7.99 -60.30
C SER B 294 -1.13 -9.27 -59.46
N HIS B 295 -1.49 -9.12 -58.17
CA HIS B 295 -1.76 -10.28 -57.31
C HIS B 295 -3.03 -10.97 -57.79
N GLN B 296 -3.03 -12.31 -57.75
CA GLN B 296 -4.14 -13.16 -58.17
C GLN B 296 -5.49 -12.72 -57.58
N LEU B 297 -5.49 -12.29 -56.31
CA LEU B 297 -6.75 -11.89 -55.66
C LEU B 297 -7.43 -10.72 -56.37
N VAL B 298 -6.68 -9.70 -56.76
CA VAL B 298 -7.28 -8.51 -57.38
C VAL B 298 -7.20 -8.49 -58.91
N SER B 299 -6.54 -9.48 -59.51
CA SER B 299 -6.45 -9.53 -60.98
C SER B 299 -7.37 -10.64 -61.59
N GLN B 300 -8.14 -11.33 -60.74
CA GLN B 300 -9.05 -12.37 -61.15
C GLN B 300 -10.23 -11.77 -61.90
N PRO B 301 -10.83 -12.55 -62.81
CA PRO B 301 -11.98 -12.03 -63.56
C PRO B 301 -13.22 -11.93 -62.67
N GLY B 302 -14.20 -11.16 -63.12
CA GLY B 302 -15.47 -11.04 -62.42
C GLY B 302 -15.49 -10.06 -61.27
N LEU B 303 -14.43 -9.24 -61.13
CA LEU B 303 -14.41 -8.22 -60.09
C LEU B 303 -14.97 -6.94 -60.69
N ASN B 304 -16.17 -6.56 -60.29
CA ASN B 304 -16.83 -5.36 -60.82
C ASN B 304 -17.83 -4.81 -59.79
N ARG B 305 -18.34 -3.60 -60.04
CA ARG B 305 -19.25 -2.90 -59.13
C ARG B 305 -20.55 -3.64 -58.83
N GLY B 306 -20.93 -4.62 -59.65
CA GLY B 306 -22.12 -5.42 -59.40
C GLY B 306 -22.03 -6.18 -58.09
N LEU B 307 -20.81 -6.57 -57.68
CA LEU B 307 -20.59 -7.25 -56.40
C LEU B 307 -20.99 -6.33 -55.23
N ILE B 308 -20.71 -5.03 -55.35
CA ILE B 308 -21.08 -4.05 -54.32
C ILE B 308 -22.56 -3.67 -54.43
N LEU B 309 -23.14 -3.69 -55.63
CA LEU B 309 -24.60 -3.51 -55.79
C LEU B 309 -25.36 -4.58 -54.99
N ASP B 310 -24.86 -5.84 -54.99
CA ASP B 310 -25.42 -6.95 -54.20
C ASP B 310 -25.32 -6.63 -52.72
N LEU B 311 -24.14 -6.12 -52.27
CA LEU B 311 -23.94 -5.71 -50.88
C LEU B 311 -24.94 -4.63 -50.48
N LEU B 312 -25.15 -3.62 -51.33
CA LEU B 312 -26.10 -2.53 -51.05
C LEU B 312 -27.55 -3.01 -51.01
N ASP B 313 -27.87 -4.04 -51.79
CA ASP B 313 -29.19 -4.68 -51.79
C ASP B 313 -29.51 -5.25 -50.38
N LYS B 314 -28.48 -5.69 -49.64
CA LYS B 314 -28.61 -6.21 -48.27
C LYS B 314 -28.99 -5.13 -47.27
N LEU B 315 -28.70 -3.85 -47.56
CA LEU B 315 -29.08 -2.75 -46.66
C LEU B 315 -30.60 -2.66 -46.50
N LYS B 316 -31.37 -3.02 -47.56
CA LYS B 316 -32.82 -2.95 -47.53
C LYS B 316 -33.49 -3.96 -46.57
N ASN B 317 -32.74 -4.97 -46.10
CA ASN B 317 -33.25 -5.98 -45.19
C ASN B 317 -32.32 -6.09 -43.98
N PRO B 318 -32.46 -5.18 -42.99
CA PRO B 318 -31.55 -5.23 -41.83
C PRO B 318 -31.72 -6.46 -40.95
N GLY B 319 -30.69 -6.78 -40.17
CA GLY B 319 -30.74 -7.93 -39.27
C GLY B 319 -29.57 -8.88 -39.36
N LYS B 320 -28.59 -8.61 -40.25
CA LYS B 320 -27.43 -9.50 -40.40
C LYS B 320 -26.14 -8.90 -39.78
N GLY B 321 -26.11 -7.59 -39.58
CA GLY B 321 -24.93 -6.93 -39.04
C GLY B 321 -25.03 -6.66 -37.56
N PRO B 322 -23.91 -6.19 -36.98
CA PRO B 322 -23.90 -5.95 -35.52
C PRO B 322 -24.69 -4.73 -35.04
N SER B 323 -25.07 -3.80 -35.93
CA SER B 323 -25.80 -2.60 -35.52
C SER B 323 -27.22 -2.91 -35.05
N ILE B 324 -27.71 -2.14 -34.07
CA ILE B 324 -29.07 -2.28 -33.57
C ILE B 324 -30.11 -1.67 -34.53
N GLY B 325 -29.70 -0.64 -35.26
CA GLY B 325 -30.57 0.03 -36.22
C GLY B 325 -31.63 0.86 -35.53
N ASP B 326 -32.90 0.52 -35.76
CA ASP B 326 -34.02 1.23 -35.14
C ASP B 326 -34.24 0.76 -33.70
N GLY C 23 -55.12 15.55 33.22
CA GLY C 23 -56.33 15.67 34.03
C GLY C 23 -56.04 15.50 35.51
N SER C 24 -56.70 16.30 36.35
CA SER C 24 -56.53 16.23 37.79
C SER C 24 -56.92 14.87 38.39
N MET C 25 -57.84 14.14 37.73
CA MET C 25 -58.30 12.85 38.21
C MET C 25 -57.41 11.67 37.81
N ASP C 26 -56.32 11.91 37.03
CA ASP C 26 -55.42 10.86 36.57
C ASP C 26 -54.77 10.13 37.72
N VAL C 27 -54.48 8.84 37.53
CA VAL C 27 -53.76 8.02 38.52
C VAL C 27 -52.35 8.60 38.66
N VAL C 28 -51.88 8.76 39.88
CA VAL C 28 -50.58 9.34 40.19
C VAL C 28 -49.49 8.28 40.32
N ASP C 29 -48.29 8.49 39.69
CA ASP C 29 -47.14 7.61 39.93
C ASP C 29 -46.57 8.22 41.21
N PRO C 30 -46.58 7.50 42.35
CA PRO C 30 -46.10 8.10 43.62
C PRO C 30 -44.63 8.45 43.66
N ASP C 31 -43.82 7.90 42.74
CA ASP C 31 -42.40 8.21 42.71
C ASP C 31 -42.13 9.61 42.20
N ILE C 32 -42.98 10.17 41.32
CA ILE C 32 -42.67 11.46 40.74
C ILE C 32 -42.82 12.61 41.78
N PHE C 33 -41.92 13.59 41.68
CA PHE C 33 -41.93 14.77 42.53
C PHE C 33 -42.89 15.78 41.90
N ASN C 34 -43.98 16.13 42.61
CA ASN C 34 -44.96 17.07 42.09
C ASN C 34 -44.53 18.50 42.39
N ARG C 35 -43.50 18.96 41.67
CA ARG C 35 -42.94 20.30 41.83
C ARG C 35 -41.96 20.64 40.73
N ASP C 36 -41.76 21.94 40.53
CA ASP C 36 -40.83 22.45 39.54
C ASP C 36 -39.45 22.34 40.17
N PRO C 37 -38.48 21.65 39.53
CA PRO C 37 -37.14 21.56 40.14
C PRO C 37 -36.47 22.91 40.32
N ARG C 38 -36.84 23.92 39.54
CA ARG C 38 -36.32 25.27 39.70
C ARG C 38 -36.63 25.88 41.07
N ASP C 39 -37.58 25.29 41.84
CA ASP C 39 -37.82 25.75 43.21
C ASP C 39 -36.56 25.47 44.07
N HIS C 40 -35.87 24.33 43.80
CA HIS C 40 -34.76 23.81 44.57
C HIS C 40 -33.38 23.92 43.90
N TYR C 41 -33.36 24.13 42.58
CA TYR C 41 -32.14 24.21 41.80
C TYR C 41 -32.08 25.45 40.97
N ASP C 42 -30.86 25.99 40.79
CA ASP C 42 -30.63 27.10 39.89
C ASP C 42 -30.12 26.49 38.61
N LEU C 43 -30.72 26.83 37.47
CA LEU C 43 -30.24 26.34 36.19
C LEU C 43 -29.03 27.18 35.79
N LEU C 44 -27.86 26.55 35.64
CA LEU C 44 -26.62 27.25 35.31
C LEU C 44 -26.37 27.44 33.80
N GLN C 45 -26.74 26.46 32.98
CA GLN C 45 -26.56 26.53 31.53
C GLN C 45 -27.26 25.39 30.81
N ARG C 46 -27.57 25.59 29.53
CA ARG C 46 -28.16 24.55 28.71
C ARG C 46 -26.98 23.74 28.20
N LEU C 47 -26.90 22.46 28.57
CA LEU C 47 -25.78 21.58 28.17
C LEU C 47 -25.88 21.09 26.73
N GLY C 48 -27.09 20.79 26.31
CA GLY C 48 -27.34 20.23 24.99
C GLY C 48 -28.67 19.50 24.99
N GLY C 49 -28.92 18.75 23.93
CA GLY C 49 -30.15 17.99 23.83
C GLY C 49 -29.87 16.52 23.59
N GLY C 50 -30.84 15.68 23.90
CA GLY C 50 -30.73 14.26 23.62
C GLY C 50 -31.60 13.91 22.43
N THR C 51 -32.10 12.65 22.38
CA THR C 51 -33.03 12.19 21.34
C THR C 51 -34.28 13.11 21.34
N TYR C 52 -34.73 13.52 22.53
CA TYR C 52 -35.77 14.51 22.76
C TYR C 52 -35.44 15.25 24.08
N GLY C 53 -36.00 16.44 24.26
CA GLY C 53 -35.76 17.22 25.46
C GLY C 53 -34.50 18.04 25.44
N GLU C 54 -34.35 18.89 26.47
CA GLU C 54 -33.19 19.76 26.61
C GLU C 54 -32.55 19.45 27.94
N VAL C 55 -31.22 19.36 28.00
CA VAL C 55 -30.52 19.05 29.23
C VAL C 55 -29.88 20.30 29.80
N PHE C 56 -30.10 20.55 31.10
CA PHE C 56 -29.54 21.71 31.80
C PHE C 56 -28.62 21.27 32.91
N LYS C 57 -27.61 22.08 33.20
CA LYS C 57 -26.77 21.88 34.36
C LYS C 57 -27.51 22.61 35.49
N ALA C 58 -27.66 21.97 36.63
CA ALA C 58 -28.42 22.57 37.73
C ALA C 58 -27.68 22.44 39.06
N ARG C 59 -27.73 23.49 39.86
CA ARG C 59 -27.07 23.50 41.16
C ARG C 59 -28.10 23.60 42.26
N ASP C 60 -28.04 22.66 43.20
CA ASP C 60 -28.90 22.62 44.39
C ASP C 60 -28.66 23.90 45.20
N LYS C 61 -29.72 24.68 45.42
CA LYS C 61 -29.70 25.94 46.16
C LYS C 61 -29.19 25.86 47.59
N VAL C 62 -29.30 24.69 48.27
CA VAL C 62 -28.81 24.64 49.67
C VAL C 62 -27.46 23.90 49.77
N SER C 63 -27.32 22.72 49.13
CA SER C 63 -26.09 21.93 49.24
C SER C 63 -25.02 22.25 48.19
N GLY C 64 -25.40 22.86 47.09
CA GLY C 64 -24.47 23.16 46.01
C GLY C 64 -24.21 21.99 45.08
N ASP C 65 -24.84 20.82 45.33
CA ASP C 65 -24.69 19.62 44.51
C ASP C 65 -25.12 19.87 43.08
N LEU C 66 -24.43 19.25 42.10
CA LEU C 66 -24.72 19.43 40.68
C LEU C 66 -25.47 18.24 40.13
N VAL C 67 -26.49 18.49 39.33
CA VAL C 67 -27.28 17.45 38.65
C VAL C 67 -27.51 17.91 37.21
N ALA C 68 -27.97 17.01 36.35
CA ALA C 68 -28.36 17.36 35.00
C ALA C 68 -29.86 17.14 34.94
N LEU C 69 -30.60 18.13 34.47
CA LEU C 69 -32.05 18.01 34.37
C LEU C 69 -32.44 17.93 32.90
N LYS C 70 -33.12 16.86 32.49
CA LYS C 70 -33.62 16.72 31.13
C LYS C 70 -35.09 17.14 31.12
N MET C 71 -35.38 18.27 30.50
CA MET C 71 -36.72 18.82 30.47
C MET C 71 -37.43 18.49 29.17
N VAL C 72 -38.66 17.97 29.30
CA VAL C 72 -39.53 17.62 28.21
C VAL C 72 -40.84 18.37 28.39
N LYS C 73 -41.15 19.26 27.46
CA LYS C 73 -42.40 20.00 27.49
C LYS C 73 -43.49 19.08 26.97
N MET C 74 -44.65 19.09 27.63
CA MET C 74 -45.75 18.23 27.20
C MET C 74 -47.00 19.00 26.86
N GLU C 75 -47.81 18.42 25.99
CA GLU C 75 -49.11 18.96 25.63
C GLU C 75 -50.19 18.08 26.26
N PRO C 76 -51.34 18.66 26.63
CA PRO C 76 -52.38 17.86 27.29
C PRO C 76 -52.92 16.71 26.43
N ASP C 77 -52.91 16.86 25.09
CA ASP C 77 -53.42 15.80 24.21
C ASP C 77 -52.32 14.90 23.67
N ASP C 78 -51.21 14.74 24.42
CA ASP C 78 -50.09 13.94 23.95
C ASP C 78 -49.99 12.57 24.57
N ASP C 79 -49.46 11.62 23.79
CA ASP C 79 -49.18 10.27 24.25
C ASP C 79 -47.93 10.39 25.14
N VAL C 80 -48.02 9.96 26.40
CA VAL C 80 -46.89 10.00 27.33
C VAL C 80 -46.18 8.64 27.49
N SER C 81 -46.54 7.63 26.66
CA SER C 81 -46.02 6.27 26.72
C SER C 81 -44.51 6.18 26.68
N THR C 82 -43.87 6.97 25.80
CA THR C 82 -42.41 6.93 25.68
C THR C 82 -41.75 7.49 26.93
N LEU C 83 -42.27 8.61 27.48
CA LEU C 83 -41.70 9.18 28.70
C LEU C 83 -41.89 8.25 29.88
N GLN C 84 -43.06 7.60 29.97
CA GLN C 84 -43.32 6.63 31.03
C GLN C 84 -42.36 5.45 30.93
N LYS C 85 -42.06 5.00 29.69
CA LYS C 85 -41.10 3.92 29.45
C LYS C 85 -39.68 4.34 29.80
N GLU C 86 -39.29 5.59 29.46
CA GLU C 86 -37.93 6.07 29.79
C GLU C 86 -37.73 6.12 31.29
N ILE C 87 -38.72 6.66 32.03
CA ILE C 87 -38.64 6.72 33.48
C ILE C 87 -38.56 5.30 34.07
N LEU C 88 -39.30 4.36 33.52
CA LEU C 88 -39.27 2.97 33.98
C LEU C 88 -37.89 2.35 33.79
N ILE C 89 -37.26 2.55 32.62
CA ILE C 89 -35.93 2.02 32.34
C ILE C 89 -34.91 2.65 33.32
N LEU C 90 -34.95 3.98 33.46
CA LEU C 90 -34.03 4.67 34.37
C LEU C 90 -34.21 4.23 35.83
N LYS C 91 -35.45 3.99 36.26
CA LYS C 91 -35.74 3.56 37.61
C LYS C 91 -35.25 2.13 37.86
N THR C 92 -35.35 1.25 36.87
CA THR C 92 -35.03 -0.17 37.05
C THR C 92 -33.64 -0.62 36.60
N CYS C 93 -32.91 0.21 35.86
CA CYS C 93 -31.61 -0.18 35.35
C CYS C 93 -30.51 0.60 36.00
N ARG C 94 -30.00 0.09 37.13
CA ARG C 94 -28.95 0.76 37.90
C ARG C 94 -27.65 -0.07 37.88
N HIS C 95 -26.56 0.54 37.41
CA HIS C 95 -25.29 -0.14 37.23
C HIS C 95 -24.16 0.89 37.22
N ALA C 96 -22.95 0.45 37.58
CA ALA C 96 -21.78 1.32 37.61
C ALA C 96 -21.49 1.96 36.23
N ASN C 97 -21.95 1.35 35.13
CA ASN C 97 -21.73 1.93 33.79
C ASN C 97 -22.98 2.54 33.17
N ILE C 98 -23.97 2.91 33.99
CA ILE C 98 -25.18 3.61 33.55
C ILE C 98 -25.25 4.92 34.36
N VAL C 99 -25.51 6.07 33.70
CA VAL C 99 -25.62 7.37 34.37
C VAL C 99 -26.61 7.29 35.59
N ALA C 100 -26.25 7.87 36.74
CA ALA C 100 -27.14 7.81 37.92
C ALA C 100 -28.46 8.54 37.67
N TYR C 101 -29.55 8.02 38.21
CA TYR C 101 -30.88 8.61 38.08
C TYR C 101 -31.35 9.01 39.48
N HIS C 102 -31.74 10.27 39.64
CA HIS C 102 -32.16 10.82 40.93
C HIS C 102 -33.68 11.03 41.08
N GLY C 103 -34.46 10.72 40.06
CA GLY C 103 -35.89 10.91 40.12
C GLY C 103 -36.40 11.86 39.06
N SER C 104 -37.74 12.02 38.96
CA SER C 104 -38.33 12.88 37.94
C SER C 104 -39.34 13.82 38.57
N TYR C 105 -39.39 15.05 38.07
CA TYR C 105 -40.26 16.11 38.53
C TYR C 105 -41.32 16.35 37.45
N LEU C 106 -42.56 16.67 37.87
CA LEU C 106 -43.63 16.98 36.94
C LEU C 106 -44.37 18.18 37.52
N TRP C 107 -44.44 19.26 36.74
CA TRP C 107 -45.13 20.46 37.20
C TRP C 107 -45.46 21.32 36.02
N LEU C 108 -46.75 21.72 35.91
CA LEU C 108 -47.23 22.59 34.83
C LEU C 108 -46.79 22.14 33.43
N GLN C 109 -47.14 20.90 33.07
CA GLN C 109 -46.88 20.32 31.75
C GLN C 109 -45.40 20.27 31.37
N LYS C 110 -44.51 20.20 32.37
CA LYS C 110 -43.10 20.04 32.10
C LYS C 110 -42.61 18.88 32.95
N LEU C 111 -41.93 17.92 32.32
CA LEU C 111 -41.32 16.77 32.97
C LEU C 111 -39.80 17.01 33.01
N TRP C 112 -39.16 16.83 34.16
CA TRP C 112 -37.73 17.04 34.27
C TRP C 112 -37.14 15.75 34.87
N ILE C 113 -36.36 15.01 34.10
CA ILE C 113 -35.72 13.78 34.55
C ILE C 113 -34.35 14.18 35.13
N CYS C 114 -34.11 13.87 36.40
CA CYS C 114 -32.91 14.27 37.09
C CYS C 114 -31.86 13.18 37.05
N MET C 115 -30.75 13.49 36.40
CA MET C 115 -29.67 12.53 36.25
C MET C 115 -28.34 13.09 36.76
N GLU C 116 -27.34 12.24 36.90
CA GLU C 116 -26.00 12.59 37.30
C GLU C 116 -25.41 13.65 36.34
N PHE C 117 -24.74 14.66 36.89
CA PHE C 117 -24.08 15.65 36.05
C PHE C 117 -22.66 15.10 35.81
N CYS C 118 -22.27 14.96 34.54
CA CYS C 118 -20.91 14.47 34.22
C CYS C 118 -20.15 15.66 33.64
N GLY C 119 -19.27 16.23 34.47
CA GLY C 119 -18.49 17.43 34.20
C GLY C 119 -17.80 17.54 32.87
N ALA C 120 -17.30 16.43 32.37
CA ALA C 120 -16.60 16.40 31.07
C ALA C 120 -17.53 16.23 29.87
N GLY C 121 -18.81 15.95 30.11
CA GLY C 121 -19.76 15.70 29.04
C GLY C 121 -19.54 14.34 28.41
N SER C 122 -19.82 14.22 27.11
CA SER C 122 -19.67 12.95 26.43
C SER C 122 -18.29 12.77 25.83
N LEU C 123 -17.97 11.55 25.42
CA LEU C 123 -16.72 11.27 24.74
C LEU C 123 -16.59 12.09 23.43
N GLN C 124 -17.72 12.39 22.76
CA GLN C 124 -17.68 13.25 21.58
C GLN C 124 -17.22 14.66 21.97
N ASP C 125 -17.73 15.22 23.08
CA ASP C 125 -17.28 16.53 23.55
C ASP C 125 -15.81 16.50 23.93
N ILE C 126 -15.37 15.40 24.53
CA ILE C 126 -13.99 15.28 24.97
C ILE C 126 -13.02 15.18 23.79
N TYR C 127 -13.28 14.29 22.81
CA TYR C 127 -12.34 14.14 21.69
C TYR C 127 -12.29 15.40 20.78
N GLN C 128 -13.31 16.26 20.83
CA GLN C 128 -13.28 17.50 20.08
C GLN C 128 -12.22 18.46 20.67
N VAL C 129 -12.03 18.43 21.99
CA VAL C 129 -11.04 19.29 22.65
C VAL C 129 -9.66 18.61 22.72
N THR C 130 -9.68 17.31 22.94
CA THR C 130 -8.50 16.54 23.25
C THR C 130 -7.84 15.83 22.03
N GLY C 131 -8.60 15.61 20.96
CA GLY C 131 -8.14 14.84 19.83
C GLY C 131 -8.42 13.35 20.06
N SER C 132 -7.93 12.50 19.15
CA SER C 132 -8.11 11.06 19.17
C SER C 132 -7.70 10.42 20.47
N LEU C 133 -8.42 9.40 20.90
CA LEU C 133 -8.07 8.67 22.11
C LEU C 133 -6.98 7.65 21.75
N SER C 134 -6.13 7.26 22.73
CA SER C 134 -5.12 6.24 22.50
C SER C 134 -5.81 4.87 22.41
N GLU C 135 -5.16 3.87 21.81
CA GLU C 135 -5.73 2.52 21.76
C GLU C 135 -6.09 1.97 23.17
N LEU C 136 -5.24 2.26 24.17
CA LEU C 136 -5.53 1.82 25.54
C LEU C 136 -6.78 2.54 26.13
N GLN C 137 -6.96 3.83 25.86
CA GLN C 137 -8.14 4.58 26.34
C GLN C 137 -9.41 4.04 25.67
N ILE C 138 -9.35 3.76 24.36
CA ILE C 138 -10.50 3.19 23.65
C ILE C 138 -10.83 1.83 24.20
N SER C 139 -9.81 1.00 24.47
CA SER C 139 -10.00 -0.34 25.03
C SER C 139 -10.71 -0.26 26.38
N TYR C 140 -10.29 0.70 27.23
CA TYR C 140 -10.90 0.89 28.55
C TYR C 140 -12.36 1.29 28.38
N VAL C 141 -12.65 2.24 27.47
CA VAL C 141 -14.01 2.66 27.19
C VAL C 141 -14.87 1.48 26.70
N CYS C 142 -14.33 0.67 25.79
CA CYS C 142 -15.05 -0.46 25.25
C CYS C 142 -15.41 -1.45 26.33
N ARG C 143 -14.48 -1.73 27.24
CA ARG C 143 -14.73 -2.66 28.31
C ARG C 143 -15.86 -2.14 29.22
N GLU C 144 -15.81 -0.84 29.56
CA GLU C 144 -16.84 -0.25 30.42
C GLU C 144 -18.20 -0.25 29.75
N VAL C 145 -18.24 0.08 28.46
CA VAL C 145 -19.49 0.08 27.72
C VAL C 145 -20.04 -1.35 27.63
N LEU C 146 -19.18 -2.33 27.37
CA LEU C 146 -19.58 -3.73 27.28
C LEU C 146 -20.17 -4.23 28.61
N GLN C 147 -19.61 -3.80 29.76
CA GLN C 147 -20.17 -4.17 31.08
C GLN C 147 -21.57 -3.55 31.22
N GLY C 148 -21.73 -2.30 30.79
CA GLY C 148 -23.04 -1.67 30.81
C GLY C 148 -24.01 -2.38 29.87
N LEU C 149 -23.55 -2.78 28.67
CA LEU C 149 -24.38 -3.50 27.69
C LEU C 149 -24.79 -4.88 28.17
N ALA C 150 -23.86 -5.63 28.77
CA ALA C 150 -24.13 -6.96 29.33
C ALA C 150 -25.24 -6.85 30.41
N TYR C 151 -25.19 -5.78 31.22
CA TYR C 151 -26.20 -5.56 32.24
C TYR C 151 -27.53 -5.25 31.61
N LEU C 152 -27.57 -4.29 30.65
CA LEU C 152 -28.81 -3.91 29.99
C LEU C 152 -29.45 -5.09 29.29
N HIS C 153 -28.65 -5.86 28.54
CA HIS C 153 -29.16 -7.00 27.80
C HIS C 153 -29.72 -8.08 28.72
N SER C 154 -29.10 -8.27 29.89
CA SER C 154 -29.58 -9.23 30.89
C SER C 154 -30.95 -8.80 31.50
N GLN C 155 -31.26 -7.49 31.48
CA GLN C 155 -32.55 -6.95 31.96
C GLN C 155 -33.55 -6.74 30.80
N LYS C 156 -33.30 -7.38 29.64
CA LYS C 156 -34.13 -7.31 28.43
C LYS C 156 -34.23 -5.91 27.83
N LYS C 157 -33.22 -5.06 28.04
CA LYS C 157 -33.24 -3.71 27.45
C LYS C 157 -32.21 -3.64 26.30
N ILE C 158 -32.49 -2.83 25.28
CA ILE C 158 -31.56 -2.60 24.19
C ILE C 158 -31.34 -1.10 24.17
N HIS C 159 -30.08 -0.65 24.18
CA HIS C 159 -29.83 0.79 24.19
C HIS C 159 -30.21 1.41 22.84
N ARG C 160 -29.74 0.82 21.73
CA ARG C 160 -29.99 1.20 20.34
C ARG C 160 -29.40 2.55 19.93
N ASP C 161 -28.67 3.24 20.84
CA ASP C 161 -28.09 4.53 20.48
C ASP C 161 -26.69 4.70 21.02
N ILE C 162 -25.91 3.62 21.00
CA ILE C 162 -24.52 3.68 21.44
C ILE C 162 -23.72 4.47 20.40
N LYS C 163 -23.03 5.49 20.86
CA LYS C 163 -22.17 6.39 20.09
C LYS C 163 -21.41 7.26 21.10
N GLY C 164 -20.39 7.96 20.63
CA GLY C 164 -19.57 8.83 21.49
C GLY C 164 -20.38 9.84 22.29
N ALA C 165 -21.43 10.43 21.65
CA ALA C 165 -22.26 11.46 22.27
C ALA C 165 -23.10 10.93 23.44
N ASN C 166 -23.32 9.60 23.53
CA ASN C 166 -24.11 8.97 24.59
C ASN C 166 -23.27 8.20 25.63
N ILE C 167 -21.95 8.38 25.63
CA ILE C 167 -21.08 7.74 26.63
C ILE C 167 -20.45 8.88 27.39
N LEU C 168 -20.81 9.03 28.65
CA LEU C 168 -20.35 10.14 29.45
C LEU C 168 -19.22 9.76 30.36
N ILE C 169 -18.40 10.75 30.70
CA ILE C 169 -17.33 10.58 31.66
C ILE C 169 -17.58 11.53 32.82
N ASN C 170 -17.69 11.00 34.07
CA ASN C 170 -17.87 11.89 35.21
C ASN C 170 -16.49 12.35 35.75
N ASP C 171 -16.48 13.25 36.75
CA ASP C 171 -15.20 13.73 37.29
C ASP C 171 -14.39 12.64 38.02
N ALA C 172 -15.01 11.51 38.37
CA ALA C 172 -14.28 10.40 38.99
C ALA C 172 -13.66 9.45 37.93
N GLY C 173 -13.75 9.80 36.64
CA GLY C 173 -13.20 8.96 35.57
C GLY C 173 -14.04 7.74 35.29
N GLU C 174 -15.33 7.78 35.63
CA GLU C 174 -16.23 6.65 35.36
C GLU C 174 -16.93 6.83 34.03
N VAL C 175 -17.07 5.73 33.29
CA VAL C 175 -17.67 5.65 31.97
C VAL C 175 -19.12 5.24 32.16
N ARG C 176 -20.05 6.10 31.75
CA ARG C 176 -21.48 5.88 32.01
C ARG C 176 -22.37 6.08 30.78
N LEU C 177 -23.20 5.09 30.47
CA LEU C 177 -24.13 5.18 29.35
C LEU C 177 -25.30 6.11 29.69
N ALA C 178 -25.72 6.91 28.70
CA ALA C 178 -26.79 7.87 28.89
C ALA C 178 -27.75 7.84 27.65
N ASP C 179 -28.89 8.56 27.75
CA ASP C 179 -29.89 8.75 26.72
C ASP C 179 -30.58 7.47 26.34
N PHE C 180 -31.61 7.15 27.12
CA PHE C 180 -32.45 6.00 26.86
C PHE C 180 -33.71 6.40 26.04
N GLY C 181 -33.68 7.54 25.37
CA GLY C 181 -34.78 8.06 24.58
C GLY C 181 -35.16 7.12 23.44
N ILE C 182 -34.16 6.63 22.68
CA ILE C 182 -34.46 5.71 21.58
C ILE C 182 -34.97 4.39 22.17
N SER C 183 -34.32 3.90 23.26
CA SER C 183 -34.73 2.66 23.93
C SER C 183 -36.23 2.75 24.37
N ALA C 184 -36.63 3.90 24.92
CA ALA C 184 -37.99 4.14 25.39
C ALA C 184 -38.97 4.18 24.24
N GLN C 185 -38.59 4.84 23.13
CA GLN C 185 -39.44 4.91 21.94
C GLN C 185 -39.73 3.50 21.39
N ILE C 186 -38.69 2.65 21.26
CA ILE C 186 -38.89 1.29 20.77
C ILE C 186 -39.74 0.45 21.70
N GLY C 187 -39.50 0.57 23.00
CA GLY C 187 -40.25 -0.15 24.00
C GLY C 187 -41.72 0.25 24.01
N ALA C 188 -42.00 1.54 23.86
CA ALA C 188 -43.38 2.04 23.84
C ALA C 188 -44.09 1.64 22.54
N GLU C 189 -43.37 1.63 21.40
CA GLU C 189 -43.97 1.24 20.12
C GLU C 189 -44.34 -0.24 20.16
N LEU C 190 -43.44 -1.08 20.68
CA LEU C 190 -43.68 -2.51 20.85
C LEU C 190 -44.87 -2.77 21.79
N ALA C 191 -44.96 -2.02 22.92
CA ALA C 191 -46.07 -2.21 23.85
C ALA C 191 -47.40 -1.81 23.21
N ARG C 192 -47.38 -0.74 22.41
CA ARG C 192 -48.55 -0.25 21.72
C ARG C 192 -49.02 -1.25 20.67
N ARG C 193 -48.08 -1.88 19.94
CA ARG C 193 -48.44 -2.81 18.89
C ARG C 193 -48.93 -4.16 19.46
N LEU C 194 -48.40 -4.61 20.61
CA LEU C 194 -48.89 -5.84 21.23
C LEU C 194 -50.27 -5.66 21.87
N GLU C 195 -50.58 -4.43 22.32
CA GLU C 195 -51.87 -4.07 22.88
C GLU C 195 -52.94 -4.06 21.79
N PHE C 196 -52.60 -3.61 20.57
CA PHE C 196 -53.59 -3.49 19.49
C PHE C 196 -53.27 -4.34 18.25
N ILE C 197 -53.28 -5.69 18.36
CA ILE C 197 -52.95 -6.55 17.21
C ILE C 197 -54.01 -6.51 16.05
N GLY C 198 -55.24 -7.02 16.19
CA GLY C 198 -55.82 -7.71 17.34
C GLY C 198 -56.02 -9.19 17.07
N THR C 199 -56.21 -9.59 15.79
CA THR C 199 -56.36 -10.99 15.36
C THR C 199 -55.16 -11.36 14.47
N PRO C 200 -54.15 -12.08 14.99
CA PRO C 200 -52.96 -12.40 14.17
C PRO C 200 -52.99 -13.79 13.52
N TYR C 201 -54.14 -14.44 13.47
CA TYR C 201 -54.27 -15.81 12.99
C TYR C 201 -53.93 -16.01 11.51
N TRP C 202 -53.96 -14.95 10.70
CA TRP C 202 -53.64 -15.06 9.27
C TRP C 202 -52.19 -14.59 8.95
N MET C 203 -51.43 -14.12 9.98
CA MET C 203 -50.08 -13.61 9.73
C MET C 203 -49.08 -14.67 9.47
N ALA C 204 -48.21 -14.44 8.50
CA ALA C 204 -47.11 -15.34 8.21
C ALA C 204 -46.14 -15.32 9.42
N PRO C 205 -45.41 -16.41 9.69
CA PRO C 205 -44.49 -16.42 10.83
C PRO C 205 -43.45 -15.30 10.82
N GLU C 206 -42.96 -14.87 9.65
CA GLU C 206 -41.97 -13.78 9.56
C GLU C 206 -42.58 -12.42 9.91
N VAL C 207 -43.89 -12.24 9.69
CA VAL C 207 -44.62 -11.02 10.05
C VAL C 207 -44.86 -11.01 11.56
N ALA C 208 -45.23 -12.16 12.13
CA ALA C 208 -45.42 -12.27 13.57
C ALA C 208 -44.07 -12.01 14.29
N ALA C 209 -42.95 -12.48 13.71
CA ALA C 209 -41.60 -12.29 14.25
C ALA C 209 -41.22 -10.80 14.32
N VAL C 210 -41.52 -10.01 13.27
CA VAL C 210 -41.21 -8.58 13.30
C VAL C 210 -42.16 -7.84 14.22
N ALA C 211 -43.43 -8.28 14.33
CA ALA C 211 -44.39 -7.62 15.22
C ALA C 211 -43.99 -7.79 16.69
N LEU C 212 -43.44 -8.93 17.03
CA LEU C 212 -43.04 -9.24 18.41
C LEU C 212 -41.61 -8.82 18.75
N LYS C 213 -40.67 -8.90 17.79
CA LYS C 213 -39.26 -8.63 18.10
C LYS C 213 -38.56 -7.58 17.24
N GLY C 214 -39.29 -6.90 16.37
CA GLY C 214 -38.74 -5.81 15.56
C GLY C 214 -37.79 -6.11 14.41
N GLY C 215 -37.46 -7.38 14.18
CA GLY C 215 -36.57 -7.73 13.07
C GLY C 215 -35.09 -7.65 13.38
N TYR C 216 -34.75 -7.33 14.64
CA TYR C 216 -33.38 -7.27 15.12
C TYR C 216 -33.35 -7.56 16.64
N ASN C 217 -32.15 -7.70 17.23
CA ASN C 217 -32.04 -7.97 18.65
C ASN C 217 -30.97 -7.05 19.31
N GLU C 218 -30.57 -7.37 20.54
CA GLU C 218 -29.61 -6.63 21.34
C GLU C 218 -28.20 -6.58 20.74
N LEU C 219 -27.90 -7.48 19.78
CA LEU C 219 -26.60 -7.49 19.13
C LEU C 219 -26.35 -6.27 18.27
N CYS C 220 -27.40 -5.46 17.98
CA CYS C 220 -27.23 -4.23 17.27
C CYS C 220 -26.31 -3.25 18.08
N ASP C 221 -26.35 -3.35 19.42
CA ASP C 221 -25.54 -2.54 20.34
C ASP C 221 -24.04 -2.86 20.21
N ILE C 222 -23.71 -4.13 19.91
CA ILE C 222 -22.34 -4.63 19.74
C ILE C 222 -21.75 -3.99 18.48
N TRP C 223 -22.54 -3.95 17.39
CA TRP C 223 -22.18 -3.25 16.15
C TRP C 223 -21.91 -1.78 16.45
N SER C 224 -22.83 -1.11 17.14
CA SER C 224 -22.72 0.31 17.42
C SER C 224 -21.46 0.63 18.23
N LEU C 225 -21.08 -0.25 19.16
CA LEU C 225 -19.87 -0.04 19.96
C LEU C 225 -18.63 -0.20 19.03
N GLY C 226 -18.69 -1.09 18.04
CA GLY C 226 -17.61 -1.23 17.07
C GLY C 226 -17.40 0.05 16.28
N ILE C 227 -18.50 0.67 15.85
CA ILE C 227 -18.47 1.93 15.13
C ILE C 227 -17.94 3.04 16.07
N THR C 228 -18.39 3.05 17.34
CA THR C 228 -17.93 4.03 18.34
C THR C 228 -16.42 3.90 18.56
N ALA C 229 -15.86 2.67 18.58
CA ALA C 229 -14.40 2.51 18.75
C ALA C 229 -13.64 3.19 17.59
N ILE C 230 -14.16 3.09 16.37
CA ILE C 230 -13.57 3.78 15.21
C ILE C 230 -13.73 5.28 15.37
N GLU C 231 -14.91 5.71 15.82
CA GLU C 231 -15.22 7.12 16.07
C GLU C 231 -14.24 7.73 17.06
N LEU C 232 -13.88 7.01 18.11
CA LEU C 232 -12.97 7.50 19.13
C LEU C 232 -11.51 7.58 18.61
N ALA C 233 -11.16 6.71 17.68
CA ALA C 233 -9.82 6.63 17.10
C ALA C 233 -9.65 7.66 15.97
N GLU C 234 -10.73 7.91 15.19
CA GLU C 234 -10.69 8.77 14.00
C GLU C 234 -11.46 10.10 14.06
N LEU C 235 -12.20 10.38 15.15
CA LEU C 235 -12.96 11.62 15.39
C LEU C 235 -14.31 11.75 14.62
N GLN C 236 -14.66 10.71 13.91
CA GLN C 236 -15.94 10.63 13.22
C GLN C 236 -16.19 9.18 12.86
N PRO C 237 -17.47 8.78 12.83
CA PRO C 237 -17.76 7.40 12.43
C PRO C 237 -17.43 7.20 10.94
N PRO C 238 -17.29 5.95 10.51
CA PRO C 238 -17.02 5.69 9.09
C PRO C 238 -18.16 6.22 8.21
N LEU C 239 -17.82 6.63 6.98
CA LEU C 239 -18.76 7.17 6.01
C LEU C 239 -19.49 8.42 6.47
N PHE C 240 -18.91 9.21 7.40
CA PHE C 240 -19.51 10.45 7.91
C PHE C 240 -19.69 11.51 6.83
N ASP C 241 -18.84 11.48 5.79
CA ASP C 241 -18.93 12.41 4.66
C ASP C 241 -19.95 11.99 3.58
N VAL C 242 -20.47 10.76 3.68
CA VAL C 242 -21.46 10.17 2.77
C VAL C 242 -22.87 10.57 3.23
N HIS C 243 -23.83 10.72 2.28
CA HIS C 243 -25.20 11.11 2.60
C HIS C 243 -25.92 10.04 3.45
N PRO C 244 -26.61 10.46 4.52
CA PRO C 244 -27.29 9.48 5.39
C PRO C 244 -28.16 8.44 4.69
N LEU C 245 -28.97 8.84 3.69
CA LEU C 245 -29.82 7.88 2.99
C LEU C 245 -28.99 6.91 2.15
N ARG C 246 -27.85 7.37 1.60
CA ARG C 246 -26.94 6.51 0.83
C ARG C 246 -26.32 5.45 1.75
N VAL C 247 -25.87 5.84 2.96
CA VAL C 247 -25.29 4.91 3.95
C VAL C 247 -26.31 3.83 4.30
N LEU C 248 -27.57 4.26 4.53
CA LEU C 248 -28.66 3.34 4.84
C LEU C 248 -28.93 2.38 3.69
N PHE C 249 -28.91 2.89 2.46
CA PHE C 249 -29.10 2.07 1.25
C PHE C 249 -28.00 1.00 1.11
N LEU C 250 -26.71 1.42 1.25
CA LEU C 250 -25.57 0.51 1.10
C LEU C 250 -25.58 -0.67 2.05
N MET C 251 -26.04 -0.49 3.31
CA MET C 251 -26.08 -1.56 4.30
C MET C 251 -27.03 -2.70 3.92
N THR C 252 -28.08 -2.38 3.15
CA THR C 252 -29.06 -3.37 2.70
C THR C 252 -28.58 -4.18 1.49
N LYS C 253 -27.62 -3.64 0.71
CA LYS C 253 -27.10 -4.26 -0.50
C LYS C 253 -26.34 -5.56 -0.29
N SER C 254 -26.47 -6.47 -1.27
CA SER C 254 -25.76 -7.75 -1.25
C SER C 254 -24.28 -7.45 -1.50
N GLY C 255 -23.42 -8.04 -0.69
CA GLY C 255 -21.99 -7.80 -0.79
C GLY C 255 -21.50 -6.62 0.02
N TYR C 256 -22.35 -6.08 0.93
CA TYR C 256 -21.99 -4.95 1.80
C TYR C 256 -20.73 -5.29 2.61
N GLN C 257 -19.81 -4.33 2.75
CA GLN C 257 -18.59 -4.57 3.51
C GLN C 257 -18.57 -3.73 4.76
N PRO C 258 -18.44 -4.36 5.92
CA PRO C 258 -18.36 -3.59 7.18
C PRO C 258 -17.16 -2.62 7.16
N PRO C 259 -17.28 -1.50 7.88
CA PRO C 259 -16.17 -0.55 7.91
C PRO C 259 -14.93 -1.07 8.64
N ARG C 260 -13.79 -0.48 8.35
CA ARG C 260 -12.53 -0.84 9.01
C ARG C 260 -11.83 0.46 9.43
N LEU C 261 -10.80 0.33 10.29
CA LEU C 261 -9.99 1.49 10.66
C LEU C 261 -9.19 1.94 9.41
N LYS C 262 -9.02 3.26 9.24
CA LYS C 262 -8.36 3.91 8.10
C LYS C 262 -6.88 3.54 8.00
N GLU C 263 -6.19 3.44 9.14
CA GLU C 263 -4.77 3.06 9.17
C GLU C 263 -4.61 1.67 9.79
N LYS C 264 -3.60 0.92 9.34
CA LYS C 264 -3.37 -0.42 9.89
C LYS C 264 -2.22 -0.43 10.87
N GLY C 265 -1.11 0.21 10.51
CA GLY C 265 0.09 0.26 11.33
C GLY C 265 -0.10 0.92 12.68
N LYS C 266 -0.98 1.93 12.74
CA LYS C 266 -1.29 2.71 13.95
C LYS C 266 -1.92 1.88 15.08
N TRP C 267 -2.57 0.78 14.74
CA TRP C 267 -3.30 -0.02 15.71
C TRP C 267 -2.83 -1.44 15.75
N SER C 268 -2.95 -2.08 16.92
CA SER C 268 -2.54 -3.47 17.07
C SER C 268 -3.54 -4.45 16.42
N ALA C 269 -3.11 -5.72 16.24
CA ALA C 269 -3.96 -6.76 15.67
C ALA C 269 -5.19 -7.00 16.58
N ALA C 270 -5.04 -6.83 17.90
CA ALA C 270 -6.14 -7.02 18.84
C ALA C 270 -7.24 -5.98 18.57
N PHE C 271 -6.87 -4.73 18.32
CA PHE C 271 -7.83 -3.67 18.02
C PHE C 271 -8.50 -3.90 16.64
N HIS C 272 -7.70 -4.24 15.60
CA HIS C 272 -8.26 -4.52 14.28
C HIS C 272 -9.26 -5.69 14.33
N ASN C 273 -8.96 -6.73 15.14
CA ASN C 273 -9.80 -7.90 15.32
C ASN C 273 -11.06 -7.55 16.13
N PHE C 274 -10.93 -6.70 17.15
CA PHE C 274 -12.09 -6.25 17.94
C PHE C 274 -13.12 -5.59 17.03
N ILE C 275 -12.66 -4.68 16.15
CA ILE C 275 -13.48 -4.01 15.15
C ILE C 275 -14.10 -5.05 14.22
N LYS C 276 -13.30 -6.02 13.72
CA LYS C 276 -13.77 -7.07 12.84
C LYS C 276 -14.92 -7.91 13.45
N VAL C 277 -14.75 -8.44 14.67
CA VAL C 277 -15.76 -9.27 15.29
C VAL C 277 -16.98 -8.47 15.74
N THR C 278 -16.81 -7.20 16.22
CA THR C 278 -17.99 -6.41 16.61
C THR C 278 -18.79 -5.98 15.38
N LEU C 279 -18.09 -5.70 14.27
CA LEU C 279 -18.73 -5.34 13.03
C LEU C 279 -18.99 -6.56 12.13
N THR C 280 -19.40 -7.68 12.73
CA THR C 280 -19.77 -8.87 11.99
C THR C 280 -21.13 -8.54 11.38
N LYS C 281 -21.23 -8.58 10.04
CA LYS C 281 -22.44 -8.28 9.31
C LYS C 281 -23.64 -9.17 9.74
N SER C 282 -23.43 -10.49 9.85
CA SER C 282 -24.48 -11.41 10.25
C SER C 282 -24.74 -11.31 11.75
N PRO C 283 -25.95 -10.89 12.13
CA PRO C 283 -26.26 -10.81 13.58
C PRO C 283 -26.25 -12.15 14.27
N LYS C 284 -26.36 -13.27 13.53
CA LYS C 284 -26.29 -14.60 14.12
C LYS C 284 -24.84 -14.97 14.50
N LYS C 285 -23.82 -14.30 13.91
CA LYS C 285 -22.44 -14.59 14.23
C LYS C 285 -21.74 -13.48 15.05
N ARG C 286 -22.42 -12.34 15.26
CA ARG C 286 -21.88 -11.24 16.05
C ARG C 286 -21.93 -11.64 17.51
N PRO C 287 -20.78 -11.58 18.21
CA PRO C 287 -20.75 -12.01 19.62
C PRO C 287 -21.54 -11.15 20.59
N SER C 288 -21.98 -11.75 21.70
CA SER C 288 -22.73 -11.02 22.73
C SER C 288 -21.79 -10.10 23.52
N ALA C 289 -22.35 -9.23 24.39
CA ALA C 289 -21.53 -8.37 25.24
C ALA C 289 -20.67 -9.21 26.22
N THR C 290 -21.26 -10.24 26.88
CA THR C 290 -20.44 -11.08 27.79
C THR C 290 -19.31 -11.76 27.05
N LYS C 291 -19.57 -12.24 25.82
CA LYS C 291 -18.55 -12.91 25.02
C LYS C 291 -17.44 -11.93 24.63
N MET C 292 -17.83 -10.71 24.22
CA MET C 292 -16.88 -9.66 23.89
C MET C 292 -15.95 -9.28 25.06
N LEU C 293 -16.44 -9.40 26.30
CA LEU C 293 -15.64 -9.06 27.48
C LEU C 293 -14.42 -9.98 27.65
N SER C 294 -14.42 -11.15 26.99
CA SER C 294 -13.28 -12.06 27.04
C SER C 294 -12.27 -11.80 25.91
N HIS C 295 -12.56 -10.87 24.98
CA HIS C 295 -11.68 -10.50 23.87
C HIS C 295 -10.40 -9.89 24.42
N GLN C 296 -9.27 -10.19 23.77
CA GLN C 296 -7.95 -9.70 24.16
C GLN C 296 -7.92 -8.17 24.37
N LEU C 297 -8.49 -7.40 23.43
CA LEU C 297 -8.50 -5.94 23.57
C LEU C 297 -9.01 -5.43 24.95
N VAL C 298 -10.13 -5.96 25.43
CA VAL C 298 -10.70 -5.49 26.70
C VAL C 298 -10.29 -6.32 27.91
N SER C 299 -9.37 -7.29 27.73
CA SER C 299 -8.83 -8.16 28.78
C SER C 299 -7.35 -7.88 29.07
N GLN C 300 -6.67 -7.10 28.24
CA GLN C 300 -5.26 -6.85 28.36
C GLN C 300 -4.91 -6.12 29.64
N PRO C 301 -3.70 -6.37 30.19
CA PRO C 301 -3.29 -5.64 31.39
C PRO C 301 -3.06 -4.16 31.07
N GLY C 302 -3.06 -3.31 32.10
CA GLY C 302 -2.86 -1.88 31.88
C GLY C 302 -4.13 -1.11 31.61
N LEU C 303 -5.30 -1.78 31.66
CA LEU C 303 -6.57 -1.08 31.52
C LEU C 303 -6.95 -0.64 32.91
N ASN C 304 -6.77 0.63 33.20
CA ASN C 304 -7.13 1.16 34.50
C ASN C 304 -7.68 2.57 34.37
N ARG C 305 -8.40 2.98 35.40
CA ARG C 305 -9.12 4.23 35.46
C ARG C 305 -8.23 5.47 35.22
N GLY C 306 -6.92 5.34 35.49
CA GLY C 306 -5.93 6.38 35.23
C GLY C 306 -5.90 6.80 33.77
N LEU C 307 -6.26 5.88 32.84
CA LEU C 307 -6.33 6.20 31.42
C LEU C 307 -7.38 7.30 31.17
N ILE C 308 -8.51 7.25 31.89
CA ILE C 308 -9.58 8.22 31.76
C ILE C 308 -9.28 9.50 32.51
N LEU C 309 -8.76 9.38 33.74
CA LEU C 309 -8.36 10.57 34.51
C LEU C 309 -7.31 11.38 33.75
N ASP C 310 -6.44 10.70 32.96
CA ASP C 310 -5.45 11.38 32.14
C ASP C 310 -6.14 12.22 31.05
N LEU C 311 -7.20 11.67 30.44
CA LEU C 311 -8.02 12.35 29.45
C LEU C 311 -8.67 13.58 30.12
N LEU C 312 -9.16 13.44 31.37
CA LEU C 312 -9.77 14.57 32.08
C LEU C 312 -8.73 15.64 32.40
N ASP C 313 -7.51 15.23 32.73
CA ASP C 313 -6.40 16.17 33.00
C ASP C 313 -6.13 17.05 31.76
N LYS C 314 -6.24 16.46 30.54
CA LYS C 314 -6.05 17.17 29.28
C LYS C 314 -7.09 18.24 29.05
N LEU C 315 -8.33 18.00 29.49
CA LEU C 315 -9.40 19.00 29.38
C LEU C 315 -9.09 20.23 30.23
N LYS C 316 -8.50 20.01 31.41
CA LYS C 316 -8.15 21.08 32.36
C LYS C 316 -6.96 21.90 31.86
N ILE D 32 19.76 16.00 33.20
CA ILE D 32 18.45 16.47 33.65
C ILE D 32 18.45 17.92 34.18
N PHE D 33 19.60 18.60 34.15
CA PHE D 33 19.69 19.98 34.59
C PHE D 33 19.05 20.83 33.49
N ASN D 34 17.97 21.54 33.79
CA ASN D 34 17.26 22.35 32.80
C ASN D 34 17.89 23.72 32.54
N ARG D 35 19.22 23.85 32.66
CA ARG D 35 19.88 25.13 32.41
C ARG D 35 21.11 25.02 31.46
N ASP D 36 21.68 26.17 31.07
CA ASP D 36 22.81 26.32 30.16
C ASP D 36 24.11 25.83 30.79
N PRO D 37 24.81 24.87 30.15
CA PRO D 37 26.11 24.43 30.69
C PRO D 37 27.18 25.51 30.65
N ARG D 38 27.04 26.51 29.76
CA ARG D 38 27.98 27.63 29.65
C ARG D 38 27.98 28.53 30.90
N ASP D 39 26.98 28.41 31.79
CA ASP D 39 26.97 29.13 33.06
C ASP D 39 27.99 28.50 34.04
N HIS D 40 28.26 27.18 33.91
CA HIS D 40 29.17 26.46 34.79
C HIS D 40 30.46 26.01 34.14
N TYR D 41 30.59 26.13 32.81
CA TYR D 41 31.77 25.67 32.09
C TYR D 41 32.20 26.63 30.99
N ASP D 42 33.51 26.77 30.79
CA ASP D 42 34.07 27.56 29.69
C ASP D 42 34.50 26.57 28.60
N LEU D 43 33.94 26.69 27.40
CA LEU D 43 34.31 25.83 26.28
C LEU D 43 35.70 26.23 25.76
N LEU D 44 36.62 25.27 25.67
CA LEU D 44 38.01 25.53 25.25
C LEU D 44 38.29 25.20 23.77
N GLN D 45 37.95 23.99 23.34
CA GLN D 45 38.14 23.58 21.95
C GLN D 45 37.33 22.32 21.64
N ARG D 46 37.06 22.08 20.38
CA ARG D 46 36.39 20.88 19.92
C ARG D 46 37.45 19.78 19.93
N LEU D 47 37.19 18.66 20.63
CA LEU D 47 38.15 17.55 20.75
C LEU D 47 38.01 16.52 19.62
N GLY D 48 36.77 16.23 19.26
CA GLY D 48 36.46 15.23 18.26
C GLY D 48 34.98 14.90 18.26
N GLY D 49 34.63 13.77 17.66
CA GLY D 49 33.22 13.39 17.56
C GLY D 49 32.82 12.10 18.23
N GLY D 50 32.85 11.04 17.47
CA GLY D 50 32.36 9.74 17.93
C GLY D 50 31.11 9.37 17.15
N THR D 51 30.38 8.32 17.61
CA THR D 51 29.15 7.81 16.97
C THR D 51 28.19 8.93 16.51
N TYR D 52 27.87 9.86 17.41
CA TYR D 52 27.07 11.05 17.12
C TYR D 52 27.45 12.20 18.06
N GLY D 53 27.09 13.41 17.68
CA GLY D 53 27.40 14.59 18.49
C GLY D 53 28.87 14.96 18.42
N GLU D 54 29.21 16.10 19.02
CA GLU D 54 30.59 16.58 19.06
C GLU D 54 31.02 16.71 20.51
N VAL D 55 32.28 16.39 20.80
CA VAL D 55 32.84 16.44 22.15
C VAL D 55 33.74 17.64 22.26
N PHE D 56 33.55 18.43 23.32
CA PHE D 56 34.32 19.63 23.59
C PHE D 56 35.11 19.48 24.85
N LYS D 57 36.25 20.14 24.90
CA LYS D 57 37.04 20.24 26.11
C LYS D 57 36.45 21.48 26.83
N ALA D 58 36.18 21.35 28.14
CA ALA D 58 35.63 22.46 28.91
C ALA D 58 36.22 22.52 30.31
N ARG D 59 36.21 23.71 30.93
CA ARG D 59 36.76 23.88 32.26
C ARG D 59 35.70 24.44 33.20
N ASP D 60 35.55 23.80 34.37
CA ASP D 60 34.64 24.20 35.44
C ASP D 60 35.02 25.62 35.88
N LYS D 61 34.08 26.55 35.75
CA LYS D 61 34.32 27.96 36.09
C LYS D 61 34.66 28.22 37.57
N VAL D 62 34.33 27.29 38.49
CA VAL D 62 34.64 27.53 39.90
C VAL D 62 35.86 26.69 40.38
N SER D 63 35.89 25.38 40.11
CA SER D 63 37.00 24.54 40.56
C SER D 63 38.19 24.46 39.59
N GLY D 64 37.99 24.88 38.34
CA GLY D 64 39.04 24.84 37.33
C GLY D 64 39.30 23.46 36.75
N ASP D 65 38.52 22.45 37.17
CA ASP D 65 38.65 21.08 36.71
C ASP D 65 38.28 20.93 35.25
N LEU D 66 38.97 20.03 34.53
CA LEU D 66 38.68 19.79 33.13
C LEU D 66 37.69 18.68 32.95
N VAL D 67 36.72 18.89 32.06
CA VAL D 67 35.68 17.94 31.74
C VAL D 67 35.54 17.86 30.19
N ALA D 68 34.81 16.85 29.72
CA ALA D 68 34.49 16.71 28.32
C ALA D 68 32.98 16.87 28.24
N LEU D 69 32.51 17.74 27.36
CA LEU D 69 31.09 17.97 27.18
C LEU D 69 30.69 17.45 25.82
N LYS D 70 29.81 16.47 25.79
CA LYS D 70 29.30 15.92 24.54
C LYS D 70 28.01 16.66 24.23
N MET D 71 27.93 17.33 23.09
CA MET D 71 26.75 18.10 22.74
C MET D 71 26.01 17.46 21.57
N VAL D 72 24.70 17.24 21.72
CA VAL D 72 23.87 16.63 20.67
C VAL D 72 22.72 17.59 20.33
N LYS D 73 22.64 18.02 19.06
CA LYS D 73 21.60 18.97 18.66
C LYS D 73 20.27 18.24 18.44
N MET D 74 19.20 18.73 19.08
CA MET D 74 17.89 18.11 18.98
C MET D 74 17.10 18.58 17.75
N VAL D 80 14.43 11.08 20.42
CA VAL D 80 15.01 11.27 21.75
C VAL D 80 15.29 9.97 22.49
N SER D 81 14.65 8.84 22.07
CA SER D 81 14.82 7.53 22.70
C SER D 81 16.28 7.06 22.75
N THR D 82 17.05 7.34 21.68
CA THR D 82 18.48 6.99 21.63
C THR D 82 19.23 7.77 22.73
N LEU D 83 18.94 9.07 22.86
CA LEU D 83 19.60 9.90 23.87
C LEU D 83 19.21 9.49 25.29
N GLN D 84 17.93 9.07 25.49
CA GLN D 84 17.45 8.63 26.79
C GLN D 84 18.16 7.35 27.23
N LYS D 85 18.31 6.38 26.31
CA LYS D 85 19.01 5.13 26.62
C LYS D 85 20.48 5.41 26.98
N GLU D 86 21.14 6.32 26.24
CA GLU D 86 22.54 6.69 26.49
C GLU D 86 22.74 7.25 27.89
N ILE D 87 21.89 8.21 28.31
CA ILE D 87 22.05 8.78 29.65
C ILE D 87 21.70 7.77 30.75
N LEU D 88 20.78 6.82 30.48
CA LEU D 88 20.42 5.79 31.46
C LEU D 88 21.62 4.89 31.71
N ILE D 89 22.34 4.53 30.63
CA ILE D 89 23.54 3.70 30.69
C ILE D 89 24.64 4.38 31.49
N LEU D 90 24.91 5.67 31.19
CA LEU D 90 25.94 6.45 31.89
C LEU D 90 25.60 6.78 33.36
N LYS D 91 24.32 7.05 33.66
CA LYS D 91 23.86 7.38 35.02
C LYS D 91 24.00 6.17 35.95
N THR D 92 23.61 4.98 35.45
CA THR D 92 23.66 3.75 36.23
C THR D 92 25.03 3.06 36.21
N CYS D 93 26.04 3.66 35.53
CA CYS D 93 27.40 3.13 35.48
C CYS D 93 28.26 3.73 36.58
N ARG D 94 28.73 2.86 37.46
CA ARG D 94 29.59 3.27 38.57
C ARG D 94 30.78 2.30 38.57
N HIS D 95 31.78 2.55 37.69
CA HIS D 95 32.95 1.66 37.63
C HIS D 95 34.20 2.41 37.19
N ALA D 96 35.34 2.12 37.82
CA ALA D 96 36.65 2.72 37.54
C ALA D 96 36.99 2.73 36.06
N ASN D 97 36.72 1.64 35.34
CA ASN D 97 37.06 1.55 33.93
C ASN D 97 36.01 2.07 32.96
N ILE D 98 35.02 2.80 33.46
CA ILE D 98 33.98 3.41 32.65
C ILE D 98 34.14 4.92 32.84
N VAL D 99 34.12 5.70 31.76
CA VAL D 99 34.26 7.15 31.84
C VAL D 99 33.24 7.76 32.83
N ALA D 100 33.71 8.56 33.80
CA ALA D 100 32.85 9.12 34.83
C ALA D 100 31.81 10.05 34.23
N TYR D 101 30.56 9.96 34.74
CA TYR D 101 29.44 10.76 34.28
C TYR D 101 29.15 11.82 35.33
N HIS D 102 29.09 13.09 34.93
CA HIS D 102 28.86 14.20 35.86
C HIS D 102 27.55 14.95 35.65
N GLY D 103 26.60 14.36 34.93
CA GLY D 103 25.32 15.00 34.68
C GLY D 103 25.07 15.43 33.25
N SER D 104 23.85 15.85 32.96
CA SER D 104 23.48 16.31 31.63
C SER D 104 22.68 17.60 31.70
N TYR D 105 22.77 18.43 30.67
CA TYR D 105 22.07 19.70 30.60
C TYR D 105 21.19 19.71 29.36
N LEU D 106 20.02 20.33 29.44
CA LEU D 106 19.15 20.50 28.28
C LEU D 106 18.92 21.99 28.17
N TRP D 107 19.36 22.60 27.06
CA TRP D 107 19.26 24.04 26.87
C TRP D 107 19.34 24.39 25.39
N LEU D 108 18.46 25.30 24.93
CA LEU D 108 18.39 25.80 23.54
C LEU D 108 18.47 24.68 22.48
N GLN D 109 17.63 23.63 22.64
CA GLN D 109 17.56 22.48 21.74
C GLN D 109 18.86 21.69 21.65
N LYS D 110 19.61 21.61 22.75
CA LYS D 110 20.88 20.88 22.78
C LYS D 110 20.99 20.09 24.07
N LEU D 111 21.40 18.82 23.98
CA LEU D 111 21.63 18.00 25.16
C LEU D 111 23.14 17.95 25.37
N TRP D 112 23.60 18.29 26.57
CA TRP D 112 25.03 18.30 26.88
C TRP D 112 25.36 17.26 27.96
N ILE D 113 26.09 16.22 27.61
CA ILE D 113 26.45 15.16 28.55
C ILE D 113 27.83 15.48 29.09
N CYS D 114 27.93 15.74 30.39
CA CYS D 114 29.22 16.06 31.01
C CYS D 114 29.92 14.79 31.49
N MET D 115 31.12 14.54 30.96
CA MET D 115 31.87 13.34 31.33
C MET D 115 33.35 13.63 31.64
N GLU D 116 34.04 12.62 32.19
CA GLU D 116 35.44 12.72 32.57
C GLU D 116 36.30 13.05 31.36
N PHE D 117 37.25 13.99 31.52
CA PHE D 117 38.18 14.34 30.47
C PHE D 117 39.40 13.44 30.61
N CYS D 118 39.80 12.77 29.52
CA CYS D 118 40.96 11.88 29.56
C CYS D 118 42.03 12.52 28.70
N GLY D 119 43.02 13.12 29.37
CA GLY D 119 44.10 13.93 28.82
C GLY D 119 44.85 13.45 27.58
N ALA D 120 45.11 12.16 27.52
CA ALA D 120 45.83 11.58 26.39
C ALA D 120 44.91 11.13 25.23
N GLY D 121 43.60 11.38 25.32
CA GLY D 121 42.68 11.00 24.25
C GLY D 121 42.53 9.49 24.17
N SER D 122 42.25 8.96 22.98
CA SER D 122 42.06 7.52 22.85
C SER D 122 43.36 6.81 22.54
N LEU D 123 43.38 5.47 22.71
CA LEU D 123 44.54 4.68 22.32
C LEU D 123 44.85 4.82 20.84
N GLN D 124 43.83 5.06 20.01
CA GLN D 124 44.05 5.27 18.58
C GLN D 124 44.86 6.56 18.37
N ASP D 125 44.49 7.65 19.05
CA ASP D 125 45.24 8.91 18.96
C ASP D 125 46.72 8.72 19.36
N ILE D 126 46.94 7.89 20.39
CA ILE D 126 48.28 7.60 20.90
C ILE D 126 49.12 6.72 19.96
N TYR D 127 48.64 5.50 19.58
CA TYR D 127 49.45 4.61 18.76
C TYR D 127 49.75 5.16 17.38
N GLN D 128 48.94 6.11 16.91
CA GLN D 128 49.23 6.73 15.62
C GLN D 128 50.55 7.53 15.69
N VAL D 129 50.97 7.96 16.89
CA VAL D 129 52.22 8.70 17.09
C VAL D 129 53.33 7.76 17.63
N THR D 130 52.99 6.91 18.63
CA THR D 130 54.00 6.05 19.28
C THR D 130 54.36 4.79 18.52
N GLY D 131 53.46 4.33 17.65
CA GLY D 131 53.62 3.05 17.02
C GLY D 131 53.12 1.94 17.94
N SER D 132 53.41 0.69 17.57
CA SER D 132 52.98 -0.53 18.27
C SER D 132 53.16 -0.47 19.77
N LEU D 133 52.14 -0.88 20.53
CA LEU D 133 52.27 -1.00 21.97
C LEU D 133 53.04 -2.31 22.26
N SER D 134 53.71 -2.38 23.42
CA SER D 134 54.36 -3.62 23.82
C SER D 134 53.27 -4.64 24.27
N GLU D 135 53.63 -5.92 24.35
CA GLU D 135 52.73 -6.95 24.83
C GLU D 135 52.24 -6.67 26.25
N LEU D 136 53.13 -6.18 27.17
CA LEU D 136 52.68 -5.86 28.54
C LEU D 136 51.68 -4.69 28.57
N GLN D 137 51.92 -3.68 27.72
CA GLN D 137 50.99 -2.54 27.66
C GLN D 137 49.63 -3.03 27.12
N ILE D 138 49.65 -3.90 26.12
CA ILE D 138 48.40 -4.46 25.54
C ILE D 138 47.68 -5.30 26.62
N SER D 139 48.44 -6.12 27.39
CA SER D 139 47.87 -6.96 28.46
C SER D 139 47.19 -6.10 29.52
N TYR D 140 47.81 -4.97 29.91
CA TYR D 140 47.23 -4.06 30.88
C TYR D 140 45.93 -3.46 30.32
N VAL D 141 45.94 -2.97 29.07
CA VAL D 141 44.73 -2.43 28.45
C VAL D 141 43.62 -3.48 28.39
N CYS D 142 43.96 -4.70 28.01
CA CYS D 142 42.98 -5.77 27.89
C CYS D 142 42.37 -6.12 29.22
N ARG D 143 43.17 -6.15 30.29
CA ARG D 143 42.65 -6.41 31.62
C ARG D 143 41.68 -5.32 32.05
N GLU D 144 42.06 -4.06 31.86
CA GLU D 144 41.22 -2.93 32.25
C GLU D 144 39.91 -2.89 31.44
N VAL D 145 39.98 -3.19 30.14
CA VAL D 145 38.79 -3.22 29.29
C VAL D 145 37.89 -4.38 29.74
N LEU D 146 38.46 -5.56 29.97
CA LEU D 146 37.71 -6.72 30.46
C LEU D 146 37.02 -6.44 31.81
N GLN D 147 37.66 -5.64 32.67
CA GLN D 147 37.07 -5.28 33.95
C GLN D 147 35.84 -4.41 33.74
N GLY D 148 35.94 -3.45 32.82
CA GLY D 148 34.81 -2.60 32.48
C GLY D 148 33.71 -3.37 31.77
N LEU D 149 34.08 -4.33 30.92
CA LEU D 149 33.13 -5.18 30.19
C LEU D 149 32.37 -6.12 31.14
N ALA D 150 33.08 -6.78 32.07
CA ALA D 150 32.43 -7.69 33.04
C ALA D 150 31.44 -6.91 33.89
N TYR D 151 31.77 -5.65 34.22
CA TYR D 151 30.86 -4.78 34.94
C TYR D 151 29.64 -4.44 34.08
N LEU D 152 29.84 -4.02 32.80
CA LEU D 152 28.72 -3.66 31.92
C LEU D 152 27.78 -4.83 31.72
N HIS D 153 28.35 -6.00 31.44
CA HIS D 153 27.64 -7.23 31.19
C HIS D 153 26.85 -7.71 32.42
N SER D 154 27.37 -7.48 33.64
CA SER D 154 26.62 -7.80 34.87
C SER D 154 25.40 -6.87 35.04
N GLN D 155 25.43 -5.66 34.45
CA GLN D 155 24.31 -4.71 34.46
C GLN D 155 23.39 -4.90 33.23
N LYS D 156 23.57 -5.99 32.46
CA LYS D 156 22.85 -6.33 31.24
C LYS D 156 23.03 -5.28 30.14
N LYS D 157 24.23 -4.69 30.05
CA LYS D 157 24.52 -3.72 29.00
C LYS D 157 25.61 -4.30 28.06
N ILE D 158 25.59 -3.88 26.80
CA ILE D 158 26.59 -4.26 25.80
C ILE D 158 27.23 -2.95 25.30
N HIS D 159 28.57 -2.90 25.14
CA HIS D 159 29.20 -1.68 24.62
C HIS D 159 28.91 -1.61 23.13
N ARG D 160 29.21 -2.71 22.40
CA ARG D 160 29.01 -2.88 20.95
C ARG D 160 29.98 -2.08 20.08
N ASP D 161 30.82 -1.23 20.68
CA ASP D 161 31.75 -0.43 19.89
C ASP D 161 33.15 -0.41 20.48
N ILE D 162 33.64 -1.57 20.96
CA ILE D 162 34.99 -1.65 21.49
C ILE D 162 36.00 -1.54 20.36
N LYS D 163 36.92 -0.57 20.47
CA LYS D 163 38.00 -0.31 19.52
C LYS D 163 38.94 0.72 20.15
N GLY D 164 40.15 0.84 19.63
CA GLY D 164 41.15 1.79 20.11
C GLY D 164 40.65 3.21 20.31
N ALA D 165 39.80 3.70 19.37
CA ALA D 165 39.24 5.06 19.41
C ALA D 165 38.26 5.29 20.57
N ASN D 166 37.71 4.23 21.15
CA ASN D 166 36.77 4.31 22.27
C ASN D 166 37.37 3.89 23.64
N ILE D 167 38.67 3.60 23.67
CA ILE D 167 39.36 3.29 24.92
C ILE D 167 40.25 4.49 25.19
N LEU D 168 39.90 5.22 26.23
CA LEU D 168 40.59 6.45 26.57
C LEU D 168 41.60 6.24 27.65
N ILE D 169 42.63 7.10 27.66
CA ILE D 169 43.67 7.05 28.65
C ILE D 169 43.75 8.41 29.34
N ASN D 170 43.69 8.41 30.69
CA ASN D 170 43.81 9.69 31.40
C ASN D 170 45.30 10.02 31.68
N ASP D 171 45.60 11.20 32.26
CA ASP D 171 46.98 11.58 32.53
C ASP D 171 47.73 10.61 33.48
N ALA D 172 46.96 9.88 34.28
CA ALA D 172 47.49 8.88 35.19
C ALA D 172 47.80 7.53 34.48
N GLY D 173 47.53 7.41 33.19
CA GLY D 173 47.77 6.18 32.44
C GLY D 173 46.70 5.11 32.68
N GLU D 174 45.54 5.50 33.26
CA GLU D 174 44.45 4.59 33.54
C GLU D 174 43.51 4.45 32.33
N VAL D 175 42.83 3.33 32.24
CA VAL D 175 41.97 3.00 31.10
C VAL D 175 40.47 3.25 31.36
N ARG D 176 39.79 3.95 30.43
CA ARG D 176 38.35 4.20 30.56
C ARG D 176 37.63 3.95 29.26
N LEU D 177 36.54 3.17 29.32
CA LEU D 177 35.70 2.92 28.14
C LEU D 177 34.78 4.08 27.96
N ALA D 178 34.61 4.50 26.71
CA ALA D 178 33.79 5.63 26.39
C ALA D 178 32.89 5.34 25.15
N ASP D 179 31.94 6.25 24.86
CA ASP D 179 31.03 6.25 23.72
C ASP D 179 30.05 5.11 23.74
N PHE D 180 28.97 5.33 24.47
CA PHE D 180 27.87 4.39 24.54
C PHE D 180 26.76 4.74 23.50
N GLY D 181 27.14 5.41 22.42
CA GLY D 181 26.23 5.83 21.36
C GLY D 181 25.69 4.67 20.55
N ILE D 182 26.54 3.70 20.20
CA ILE D 182 26.09 2.51 19.46
C ILE D 182 25.20 1.66 20.37
N SER D 183 25.59 1.52 21.65
CA SER D 183 24.85 0.79 22.66
C SER D 183 23.44 1.38 22.88
N ALA D 184 23.32 2.71 22.75
CA ALA D 184 22.06 3.42 22.89
C ALA D 184 21.22 3.28 21.63
N GLN D 185 21.84 3.38 20.44
CA GLN D 185 21.15 3.26 19.16
C GLN D 185 20.58 1.86 18.94
N ILE D 186 21.36 0.85 19.33
CA ILE D 186 20.98 -0.56 19.21
C ILE D 186 19.79 -0.85 20.16
N GLY D 187 19.85 -0.32 21.38
CA GLY D 187 18.81 -0.48 22.38
C GLY D 187 17.49 0.08 21.94
N ALA D 188 17.48 1.36 21.54
CA ALA D 188 16.27 2.04 21.06
C ALA D 188 15.70 1.35 19.82
N GLU D 189 16.56 0.92 18.87
CA GLU D 189 16.08 0.23 17.66
C GLU D 189 15.41 -1.09 18.01
N LEU D 190 15.95 -1.83 19.00
CA LEU D 190 15.35 -3.08 19.44
C LEU D 190 13.98 -2.82 20.10
N ALA D 191 13.85 -1.71 20.83
CA ALA D 191 12.59 -1.33 21.46
C ALA D 191 11.56 -0.91 20.40
N ARG D 192 12.00 -0.30 19.30
CA ARG D 192 11.13 0.11 18.20
C ARG D 192 10.66 -1.11 17.38
N ARG D 193 11.51 -2.16 17.28
CA ARG D 193 11.16 -3.37 16.56
C ARG D 193 10.16 -4.19 17.37
N GLY D 198 4.69 -6.84 14.53
CA GLY D 198 3.50 -7.29 13.81
C GLY D 198 3.09 -8.71 14.16
N THR D 199 2.13 -9.29 13.39
CA THR D 199 1.63 -10.64 13.66
C THR D 199 2.74 -11.69 13.40
N PRO D 200 2.95 -12.61 14.34
CA PRO D 200 4.08 -13.55 14.20
C PRO D 200 3.78 -14.98 13.74
N TYR D 201 2.52 -15.37 13.54
CA TYR D 201 2.15 -16.75 13.26
C TYR D 201 2.83 -17.40 12.03
N TRP D 202 3.14 -16.61 10.99
CA TRP D 202 3.78 -17.14 9.76
C TRP D 202 5.30 -16.85 9.72
N MET D 203 5.82 -16.19 10.73
CA MET D 203 7.20 -15.76 10.79
C MET D 203 8.17 -16.90 11.15
N ALA D 204 9.29 -17.02 10.43
CA ALA D 204 10.32 -18.04 10.72
C ALA D 204 10.96 -17.75 12.10
N PRO D 205 11.45 -18.79 12.82
CA PRO D 205 11.99 -18.55 14.17
C PRO D 205 13.21 -17.65 14.19
N GLU D 206 14.02 -17.65 13.13
CA GLU D 206 15.18 -16.74 13.07
C GLU D 206 14.74 -15.27 12.90
N VAL D 207 13.61 -15.04 12.23
CA VAL D 207 13.08 -13.68 12.07
C VAL D 207 12.56 -13.22 13.45
N ALA D 208 11.82 -14.09 14.15
CA ALA D 208 11.31 -13.80 15.49
C ALA D 208 12.46 -13.57 16.49
N ALA D 209 13.54 -14.34 16.39
CA ALA D 209 14.69 -14.19 17.29
C ALA D 209 15.42 -12.86 17.10
N VAL D 210 15.62 -12.43 15.85
CA VAL D 210 16.30 -11.14 15.63
C VAL D 210 15.39 -9.97 16.06
N ALA D 211 14.08 -10.09 15.87
CA ALA D 211 13.11 -9.07 16.27
C ALA D 211 13.04 -8.92 17.79
N LEU D 212 13.12 -10.03 18.52
CA LEU D 212 13.00 -10.03 19.97
C LEU D 212 14.32 -9.85 20.72
N LYS D 213 15.39 -10.53 20.27
CA LYS D 213 16.68 -10.53 20.96
C LYS D 213 17.82 -9.79 20.24
N GLY D 214 17.58 -9.33 19.03
CA GLY D 214 18.58 -8.53 18.31
C GLY D 214 19.54 -9.22 17.36
N GLY D 215 19.71 -10.53 17.51
CA GLY D 215 20.60 -11.28 16.64
C GLY D 215 21.96 -11.62 17.22
N TYR D 216 22.28 -11.08 18.40
CA TYR D 216 23.56 -11.34 19.07
C TYR D 216 23.47 -10.97 20.56
N ASN D 217 24.54 -11.27 21.33
CA ASN D 217 24.55 -10.94 22.75
C ASN D 217 25.86 -10.18 23.16
N GLU D 218 26.12 -10.05 24.47
CA GLU D 218 27.25 -9.35 25.04
C GLU D 218 28.60 -9.91 24.65
N LEU D 219 28.65 -11.17 24.16
CA LEU D 219 29.91 -11.77 23.74
C LEU D 219 30.52 -11.13 22.48
N CYS D 220 29.77 -10.27 21.78
CA CYS D 220 30.31 -9.53 20.65
C CYS D 220 31.44 -8.59 21.10
N ASP D 221 31.37 -8.10 22.36
CA ASP D 221 32.38 -7.23 22.96
C ASP D 221 33.69 -7.96 23.15
N ILE D 222 33.65 -9.26 23.43
CA ILE D 222 34.86 -10.04 23.63
C ILE D 222 35.59 -10.18 22.28
N TRP D 223 34.84 -10.43 21.19
CA TRP D 223 35.45 -10.48 19.85
C TRP D 223 36.08 -9.09 19.52
N SER D 224 35.34 -8.00 19.77
CA SER D 224 35.83 -6.65 19.47
C SER D 224 37.11 -6.33 20.24
N LEU D 225 37.23 -6.84 21.48
CA LEU D 225 38.46 -6.63 22.26
C LEU D 225 39.62 -7.40 21.64
N GLY D 226 39.38 -8.58 21.10
CA GLY D 226 40.41 -9.36 20.43
C GLY D 226 40.93 -8.61 19.22
N ILE D 227 40.02 -8.04 18.42
CA ILE D 227 40.39 -7.24 17.26
C ILE D 227 41.19 -6.00 17.72
N THR D 228 40.76 -5.39 18.82
CA THR D 228 41.41 -4.19 19.38
C THR D 228 42.84 -4.52 19.82
N ALA D 229 43.06 -5.70 20.42
CA ALA D 229 44.39 -6.13 20.82
C ALA D 229 45.31 -6.25 19.58
N ILE D 230 44.80 -6.74 18.45
CA ILE D 230 45.58 -6.82 17.21
C ILE D 230 45.84 -5.38 16.72
N GLU D 231 44.82 -4.51 16.78
CA GLU D 231 44.93 -3.11 16.39
C GLU D 231 46.05 -2.38 17.17
N LEU D 232 46.16 -2.66 18.49
CA LEU D 232 47.21 -2.05 19.33
C LEU D 232 48.61 -2.55 18.98
N ALA D 233 48.68 -3.82 18.53
CA ALA D 233 49.91 -4.50 18.15
C ALA D 233 50.38 -4.13 16.75
N GLU D 234 49.43 -3.91 15.81
CA GLU D 234 49.77 -3.72 14.39
C GLU D 234 49.34 -2.40 13.77
N LEU D 235 48.68 -1.54 14.54
CA LEU D 235 48.30 -0.17 14.14
C LEU D 235 47.10 -0.07 13.18
N GLN D 236 46.42 -1.17 12.95
CA GLN D 236 45.17 -1.21 12.17
C GLN D 236 44.53 -2.55 12.43
N PRO D 237 43.18 -2.62 12.43
CA PRO D 237 42.53 -3.91 12.62
C PRO D 237 42.75 -4.79 11.39
N PRO D 238 42.54 -6.11 11.53
CA PRO D 238 42.67 -7.02 10.38
C PRO D 238 41.73 -6.63 9.23
N LEU D 239 42.24 -6.75 7.99
CA LEU D 239 41.53 -6.44 6.74
C LEU D 239 41.22 -4.96 6.57
N PHE D 240 41.88 -4.06 7.33
CA PHE D 240 41.60 -2.62 7.26
C PHE D 240 41.74 -2.07 5.84
N ASP D 241 42.64 -2.67 5.03
CA ASP D 241 42.86 -2.25 3.66
C ASP D 241 41.71 -2.61 2.69
N VAL D 242 40.89 -3.58 3.06
CA VAL D 242 39.79 -4.07 2.23
C VAL D 242 38.56 -3.16 2.44
N HIS D 243 37.78 -2.93 1.37
CA HIS D 243 36.57 -2.10 1.43
C HIS D 243 35.63 -2.58 2.53
N PRO D 244 35.07 -1.66 3.34
CA PRO D 244 34.21 -2.11 4.45
C PRO D 244 33.03 -2.99 4.03
N LEU D 245 32.40 -2.69 2.88
CA LEU D 245 31.28 -3.51 2.42
C LEU D 245 31.74 -4.92 2.07
N ARG D 246 32.94 -5.04 1.46
CA ARG D 246 33.53 -6.34 1.12
C ARG D 246 33.82 -7.15 2.39
N VAL D 247 34.36 -6.48 3.43
CA VAL D 247 34.67 -7.12 4.71
C VAL D 247 33.41 -7.69 5.36
N LEU D 248 32.30 -6.94 5.33
CA LEU D 248 31.00 -7.40 5.85
C LEU D 248 30.59 -8.72 5.19
N PHE D 249 30.70 -8.80 3.85
CA PHE D 249 30.39 -9.99 3.08
C PHE D 249 31.31 -11.15 3.45
N LEU D 250 32.61 -10.87 3.61
CA LEU D 250 33.57 -11.90 3.98
C LEU D 250 33.26 -12.49 5.35
N MET D 251 32.92 -11.63 6.33
CA MET D 251 32.60 -12.06 7.71
C MET D 251 31.35 -12.92 7.79
N THR D 252 30.39 -12.70 6.89
CA THR D 252 29.15 -13.47 6.88
C THR D 252 29.25 -14.75 6.04
N LYS D 253 30.24 -14.85 5.13
CA LYS D 253 30.42 -16.04 4.29
C LYS D 253 30.91 -17.20 5.16
N SER D 254 30.50 -18.42 4.82
CA SER D 254 30.93 -19.61 5.54
C SER D 254 32.43 -19.81 5.32
N GLY D 255 33.12 -20.24 6.36
CA GLY D 255 34.55 -20.48 6.27
C GLY D 255 35.44 -19.27 6.48
N TYR D 256 34.88 -18.16 7.02
CA TYR D 256 35.69 -16.97 7.31
C TYR D 256 36.68 -17.33 8.41
N GLN D 257 37.97 -17.13 8.18
CA GLN D 257 38.97 -17.46 9.17
C GLN D 257 39.18 -16.34 10.15
N PRO D 258 39.11 -16.66 11.46
CA PRO D 258 39.34 -15.61 12.46
C PRO D 258 40.75 -15.05 12.33
N PRO D 259 40.90 -13.73 12.46
CA PRO D 259 42.23 -13.11 12.32
C PRO D 259 43.25 -13.65 13.30
N ARG D 260 44.52 -13.53 12.94
CA ARG D 260 45.65 -13.91 13.79
C ARG D 260 46.69 -12.77 13.75
N LEU D 261 47.58 -12.72 14.76
CA LEU D 261 48.67 -11.75 14.76
C LEU D 261 49.64 -12.11 13.61
N LYS D 262 50.11 -11.11 12.86
CA LYS D 262 50.99 -11.31 11.71
C LYS D 262 52.42 -11.80 12.06
N GLU D 263 53.12 -11.11 12.98
CA GLU D 263 54.48 -11.51 13.33
C GLU D 263 54.48 -12.47 14.49
N LYS D 264 54.45 -13.77 14.21
CA LYS D 264 54.35 -14.80 15.24
C LYS D 264 55.42 -14.72 16.33
N GLY D 265 56.67 -14.52 15.96
CA GLY D 265 57.78 -14.48 16.92
C GLY D 265 57.86 -13.24 17.79
N LYS D 266 57.12 -12.20 17.42
CA LYS D 266 57.12 -10.95 18.18
C LYS D 266 56.29 -11.08 19.49
N TRP D 267 55.33 -12.02 19.52
CA TRP D 267 54.38 -12.17 20.60
C TRP D 267 54.45 -13.54 21.30
N SER D 268 54.17 -13.55 22.62
CA SER D 268 54.20 -14.79 23.38
C SER D 268 53.07 -15.76 23.01
N ALA D 269 53.21 -17.02 23.42
CA ALA D 269 52.19 -18.04 23.25
C ALA D 269 50.88 -17.59 23.97
N ALA D 270 51.00 -16.92 25.13
CA ALA D 270 49.82 -16.46 25.87
C ALA D 270 49.02 -15.39 25.08
N PHE D 271 49.73 -14.50 24.38
CA PHE D 271 49.05 -13.46 23.59
C PHE D 271 48.41 -14.12 22.36
N HIS D 272 49.11 -15.03 21.65
CA HIS D 272 48.50 -15.75 20.52
C HIS D 272 47.25 -16.52 20.97
N ASN D 273 47.30 -17.14 22.16
CA ASN D 273 46.15 -17.87 22.70
C ASN D 273 45.03 -16.92 23.07
N PHE D 274 45.36 -15.74 23.63
CA PHE D 274 44.34 -14.74 23.97
C PHE D 274 43.51 -14.33 22.74
N ILE D 275 44.20 -14.07 21.62
CA ILE D 275 43.60 -13.69 20.35
C ILE D 275 42.75 -14.87 19.87
N LYS D 276 43.29 -16.09 19.92
CA LYS D 276 42.57 -17.29 19.48
C LYS D 276 41.23 -17.49 20.20
N VAL D 277 41.20 -17.37 21.54
CA VAL D 277 39.96 -17.61 22.27
C VAL D 277 39.00 -16.44 22.23
N THR D 278 39.48 -15.16 22.23
CA THR D 278 38.55 -14.04 22.13
C THR D 278 37.90 -14.02 20.74
N LEU D 279 38.67 -14.36 19.70
CA LEU D 279 38.16 -14.39 18.34
C LEU D 279 37.55 -15.77 17.98
N THR D 280 36.73 -16.31 18.87
CA THR D 280 36.06 -17.58 18.61
C THR D 280 34.87 -17.25 17.73
N LYS D 281 34.77 -17.83 16.52
CA LYS D 281 33.64 -17.51 15.62
C LYS D 281 32.29 -17.71 16.25
N SER D 282 32.03 -18.89 16.83
CA SER D 282 30.74 -19.14 17.45
C SER D 282 30.62 -18.40 18.75
N PRO D 283 29.58 -17.59 18.91
CA PRO D 283 29.38 -16.89 20.18
C PRO D 283 29.04 -17.85 21.33
N LYS D 284 28.55 -19.06 21.05
CA LYS D 284 28.27 -20.04 22.10
C LYS D 284 29.57 -20.58 22.74
N LYS D 285 30.65 -20.63 21.96
CA LYS D 285 31.94 -21.11 22.45
C LYS D 285 32.85 -19.97 22.95
N ARG D 286 32.46 -18.69 22.75
CA ARG D 286 33.28 -17.55 23.10
C ARG D 286 33.27 -17.29 24.60
N PRO D 287 34.45 -17.20 25.23
CA PRO D 287 34.47 -16.99 26.70
C PRO D 287 33.91 -15.65 27.15
N SER D 288 33.33 -15.61 28.34
CA SER D 288 32.76 -14.39 28.89
C SER D 288 33.88 -13.45 29.34
N ALA D 289 33.55 -12.18 29.68
CA ALA D 289 34.53 -11.23 30.19
C ALA D 289 35.12 -11.76 31.51
N THR D 290 34.25 -12.30 32.41
CA THR D 290 34.69 -12.87 33.68
C THR D 290 35.65 -14.04 33.48
N LYS D 291 35.37 -14.93 32.50
CA LYS D 291 36.25 -16.05 32.21
C LYS D 291 37.57 -15.56 31.62
N MET D 292 37.49 -14.56 30.73
CA MET D 292 38.67 -13.98 30.12
C MET D 292 39.58 -13.33 31.16
N LEU D 293 39.03 -12.78 32.24
CA LEU D 293 39.85 -12.18 33.31
C LEU D 293 40.77 -13.21 34.00
N SER D 294 40.49 -14.51 33.84
CA SER D 294 41.34 -15.57 34.38
C SER D 294 42.40 -16.03 33.36
N HIS D 295 42.39 -15.50 32.11
CA HIS D 295 43.40 -15.87 31.10
C HIS D 295 44.78 -15.42 31.59
N GLN D 296 45.82 -16.22 31.30
CA GLN D 296 47.17 -15.90 31.77
C GLN D 296 47.70 -14.54 31.23
N LEU D 297 47.30 -14.10 30.01
CA LEU D 297 47.75 -12.80 29.50
C LEU D 297 47.35 -11.65 30.43
N VAL D 298 46.09 -11.63 30.92
CA VAL D 298 45.61 -10.53 31.75
C VAL D 298 45.65 -10.81 33.28
N SER D 299 45.98 -12.04 33.69
CA SER D 299 46.15 -12.43 35.11
C SER D 299 47.60 -12.29 35.58
N GLN D 300 48.55 -12.15 34.66
CA GLN D 300 49.96 -12.08 34.98
C GLN D 300 50.31 -10.89 35.89
N PRO D 301 51.34 -11.05 36.73
CA PRO D 301 51.76 -9.92 37.57
C PRO D 301 52.49 -8.87 36.71
N GLY D 302 52.73 -7.70 37.27
CA GLY D 302 53.47 -6.66 36.57
C GLY D 302 52.63 -5.79 35.63
N LEU D 303 51.30 -5.95 35.67
CA LEU D 303 50.42 -5.11 34.85
C LEU D 303 50.05 -3.92 35.70
N ASN D 304 50.61 -2.78 35.36
CA ASN D 304 50.50 -1.57 36.15
C ASN D 304 50.38 -0.38 35.22
N ARG D 305 49.68 0.68 35.66
CA ARG D 305 49.52 1.91 34.89
C ARG D 305 50.88 2.57 34.49
N GLY D 306 51.96 2.25 35.20
CA GLY D 306 53.32 2.70 34.84
C GLY D 306 53.69 2.28 33.41
N LEU D 307 53.14 1.14 32.95
CA LEU D 307 53.36 0.69 31.59
C LEU D 307 52.79 1.69 30.59
N ILE D 308 51.61 2.26 30.89
CA ILE D 308 50.96 3.25 30.04
C ILE D 308 51.62 4.63 30.21
N LEU D 309 52.13 4.95 31.42
CA LEU D 309 52.89 6.20 31.60
C LEU D 309 54.17 6.15 30.74
N ASP D 310 54.76 4.96 30.54
CA ASP D 310 55.91 4.83 29.63
C ASP D 310 55.47 5.14 28.19
N LEU D 311 54.29 4.67 27.80
CA LEU D 311 53.73 4.91 26.46
C LEU D 311 53.49 6.42 26.29
N LEU D 312 52.97 7.10 27.31
CA LEU D 312 52.74 8.54 27.27
C LEU D 312 54.05 9.34 27.24
N ASP D 313 55.08 8.86 27.94
CA ASP D 313 56.41 9.49 27.89
C ASP D 313 56.96 9.45 26.45
N LYS D 314 56.73 8.34 25.75
CA LYS D 314 57.13 8.19 24.36
C LYS D 314 56.36 9.21 23.49
N LEU D 315 55.06 9.36 23.75
CA LEU D 315 54.14 10.30 23.08
C LEU D 315 54.68 11.73 23.19
N LYS D 316 55.12 12.15 24.40
CA LYS D 316 55.68 13.47 24.66
C LYS D 316 57.09 13.62 24.07
N1 XXF E . -8.74 -8.22 -4.48
C7 XXF E . -8.44 -8.35 -0.23
C8 XXF E . -8.78 -8.22 -1.71
N2 XXF E . -7.67 -8.04 -6.63
C9 XXF E . -7.41 -9.45 -0.06
O1 XXF E . -7.92 -7.11 0.30
C1 XXF E . -8.67 -8.33 -5.81
C5 XXF E . -7.36 -6.27 -1.93
C6 XXF E . -6.92 -6.44 -0.50
N3 XXF E . -7.72 -7.57 -2.48
C4 XXF E . -7.62 -7.78 -3.86
C3 XXF E . -6.45 -7.46 -4.61
C2 XXF E . -6.59 -7.58 -5.98
N4 XXF E . -8.36 -10.07 2.16
CL1 XXF E . -2.89 -6.56 -5.99
N5 XXF E . -5.40 -7.22 -6.56
N6 XXF E . -0.98 -4.26 -1.12
C10 XXF E . -7.11 -9.76 1.40
C11 XXF E . -9.33 -8.93 2.05
C12 XXF E . -9.69 -8.66 0.60
C13 XXF E . -8.07 -10.38 3.59
C14 XXF E . -5.08 -7.06 -4.36
C15 XXF E . -4.50 -6.92 -5.59
C16 XXF E . -4.35 -7.07 -3.07
C17 XXF E . -3.45 -6.05 -2.76
C18 XXF E . -2.72 -6.10 -1.57
C19 XXF E . -2.89 -7.16 -0.69
C20 XXF E . -3.79 -8.18 -1.00
C21 XXF E . -4.51 -8.13 -2.17
C22 XXF E . -1.74 -5.08 -1.30
S SO4 F . -19.14 12.40 -35.32
O1 SO4 F . -18.50 13.69 -35.64
O2 SO4 F . -20.32 12.19 -36.18
O3 SO4 F . -18.17 11.29 -35.48
O4 SO4 F . -19.59 12.48 -33.92
N1 XXF G . -20.76 10.32 -47.06
C7 XXF G . -19.67 9.37 -43.11
C8 XXF G . -20.29 9.82 -44.43
N2 XXF G . -20.33 11.20 -49.26
C9 XXF G . -18.50 8.43 -43.37
O1 XXF G . -19.18 10.51 -42.39
C1 XXF G . -21.04 10.54 -48.36
C5 XXF G . -19.00 11.87 -44.44
C6 XXF G . -18.37 11.45 -43.14
N3 XXF G . -19.40 10.69 -45.21
C4 XXF G . -19.60 10.82 -46.60
C3 XXF G . -18.69 11.49 -47.47
C2 XXF G . -19.16 11.66 -48.78
N4 XXF G . -18.94 7.21 -41.26
CL1 XXF G . -15.80 13.30 -49.47
N5 XXF G . -18.22 12.33 -49.50
N6 XXF G . -12.85 14.77 -44.70
C10 XXF G . -17.91 7.93 -42.06
C11 XXF G . -20.08 8.11 -40.94
C12 XXF G . -20.70 8.69 -42.22
C13 XXF G . -18.35 6.60 -40.03
C14 XXF G . -17.34 12.07 -47.45
C15 XXF G . -17.13 12.57 -48.70
C16 XXF G . -16.34 11.92 -46.37
C17 XXF G . -15.52 13.00 -46.02
C18 XXF G . -14.52 12.84 -45.06
C19 XXF G . -14.36 11.63 -44.41
C20 XXF G . -15.18 10.55 -44.74
C21 XXF G . -16.14 10.69 -45.72
C22 XXF G . -13.59 13.91 -44.84
N1 XXF H . -23.46 16.75 30.10
C7 XXF H . -24.04 16.99 25.91
C8 XXF H . -23.84 17.20 27.41
N2 XXF H . -23.90 15.76 32.25
C9 XXF H . -23.64 15.56 25.55
O1 XXF H . -25.44 17.18 25.59
C1 XXF H . -23.24 16.54 31.41
C5 XXF H . -26.17 16.76 27.86
C6 XXF H . -26.39 16.47 26.39
N3 XXF H . -24.79 16.43 28.21
C4 XXF H . -24.48 16.08 29.54
C3 XXF H . -25.26 15.16 30.32
C2 XXF H . -24.89 15.08 31.66
N4 XXF H . -22.72 16.29 23.38
CL1 XXF H . -27.57 12.38 31.85
N5 XXF H . -25.67 14.14 32.28
N6 XXF H . -31.12 12.38 27.07
C10 XXF H . -23.64 15.33 24.04
C11 XXF H . -23.17 17.70 23.61
C12 XXF H . -23.25 18.00 25.10
C13 XXF H . -22.58 15.99 21.91
C14 XXF H . -26.29 14.16 30.13
C15 XXF H . -26.51 13.59 31.35
C16 XXF H . -26.80 13.62 28.84
C17 XXF H . -28.16 13.37 28.66
C18 XXF H . -28.60 12.80 27.46
C19 XXF H . -27.70 12.47 26.47
C20 XXF H . -26.35 12.71 26.65
C21 XXF H . -25.90 13.30 27.82
C22 XXF H . -30.01 12.56 27.27
N1 XXF I . 39.19 13.17 24.66
C7 XXF I . 38.77 11.92 20.64
C8 XXF I . 38.99 12.60 22.00
N2 XXF I . 38.47 13.23 26.97
C9 XXF I . 38.80 10.42 20.88
O1 XXF I . 37.49 12.31 20.11
C1 XXF I . 39.33 13.44 25.97
C5 XXF I . 36.61 12.95 22.31
C6 XXF I . 36.35 12.26 20.99
N3 XXF I . 37.86 12.44 22.91
C4 XXF I . 38.03 12.57 24.28
C3 XXF I . 37.04 12.23 25.26
C2 XXF I . 37.35 12.61 26.57
N4 XXF I . 39.82 10.03 18.65
CL1 XXF I . 33.95 11.02 27.38
N5 XXF I . 36.32 12.22 27.38
N6 XXF I . 30.56 10.17 22.75
C10 XXF I . 38.74 9.61 19.59
C11 XXF I . 39.70 11.49 18.33
C12 XXF I . 39.79 12.33 19.60
C13 XXF I . 39.84 9.20 17.41
C14 XXF I . 35.76 11.52 25.32
C15 XXF I . 35.37 11.59 26.63
C16 XXF I . 35.10 10.69 24.28
C17 XXF I . 33.72 10.77 24.11
C18 XXF I . 33.10 9.97 23.15
C19 XXF I . 33.86 9.10 22.36
C20 XXF I . 35.22 9.03 22.55
C21 XXF I . 35.85 9.82 23.48
C22 XXF I . 31.68 10.09 22.94
#